data_6F4A
#
_entry.id   6F4A
#
_cell.length_a   104.550
_cell.length_b   151.240
_cell.length_c   284.220
_cell.angle_alpha   90.00
_cell.angle_beta   90.00
_cell.angle_gamma   90.00
#
_symmetry.space_group_name_H-M   'C 2 2 21'
#
loop_
_entity.id
_entity.type
_entity.pdbx_description
1 polymer 'Exoribonuclease II, mitochondrial'
2 polymer 'Suv3 helicase'
3 polymer "RNA (5'-R(P*AP*GP*AP*UP*AP*C)-3')"
#
loop_
_entity_poly.entity_id
_entity_poly.type
_entity_poly.pdbx_seq_one_letter_code
_entity_poly.pdbx_strand_id
1 'polypeptide(L)'
;MFIINSDFHRGNMEQYQKAQKLSFDPAELLRTSLNVGDIVLLKQCTSELTMCVNLPQSTTDPRYTFAKKDGTLVYAMKNS
VILRIPKDLPEEVNQLLKRESNHPYQKIGTIKNSSNETEILPVLTRQLIVSFTLATFTKFAWTQLPIVLKKLELIHRYLQ
DSRGSKHVNFMSLVRIIKNLNIKEATDAINGDAYVRKVIDESMSVVNKSIDPTTLLATYWGVREQQQNNLWGSVYTNTAL
LSPTTVAVLPLKKAHLFYQEVITRLESNDYQEIKAFAKLVNDKDYHSIAKRYDYIRTLLNDYAAGNIEENAVLTTIISKI
FRHIDMYRDQDVTRSLCGKLLVEISPQSNSSNFILGNWDLNIPKSSGISSVEQKLYDTAMPTIVSDTDRYDFGDMPVFCI
DSEDAHEINDGISIEELDGVRSRIHIHIADPAGLFPESFDYTKSGISDDVLRVSLKRAFTTYLPDLVVPMLPKSFCNRAD
LGKHDRKTETISFSFELVNKEDGGLHVDYDTFQVRLGIVSNFPKVTYDKVDSILNGDDNSLPSKQKKQLELLHTLATKLL
HKRIHDDNAVVFGDGFNKGLVSLSPDDDGELCIPTFYDQSQTKSTLLVSEFMILTNKLCAAFFQENKIPGVYRCYNGLNL
GNQAKAQFELLKENIKLGKLPSLKDITKISSQLSSSFYSPFPLPHKMIGNTAYLTVTSPMRRGPDLINHLQLHRFLKKLP
LCFKQEYLDQYVWSFQARADILKIFQRHSSTYWTLKHLEQSGTKTHDVIVTSVPQNGTVNCLFPEYSYARGTLKLDPAMK
KIPRIGDTIRHCKVESIHPLDGILTLTHVNRK
;
A
2 'polypeptide(L)'
;MIYTTDKEFKKNLENALAHVYSTQIENSAPDQVEFRKVAWLRLKDMLYNQLLDKNLPAKINGYDPGLMETISPTQPQHII
PHLVKMNKIDQLIWKKITGKTEGVTKYEQFQYLLSSYYDCILNQEIIPSMLNTGTDDSVHSVDFSNPAEWFPEARKIRRH
IIMHVGPTNSGKTFRSLQKLKAADRGYYAGPLRLLAREVYEKFKHENVRCNLLTGEEVIKDLDEMGNEANLTSGTIEMIP
LNQNFDVVVLDEIQMMADLDRGWAWTNALLGAKAKEVHCCGEASTIPLIKKIVEMTGDKLTINEYERMGKLVVEEEALTK
GYHSLKKGDCVVAFSKKAILDLKLEIEKKTELKAAVIYGSLPPETRVKQANLFNSGEFDILIASDAIGMGLNLSIDRVVF
TTSKKFDGRDMVDMTSSAIKQIGGRAGRFKQNIHDNGELPVGYITAVKPNVLKAVREAINAPIEYLTSATTWPTDEICTH
VMTRFMPGTTCKTLLETIAADIEQSSNKLFQICDLKARMSAIEIIDSMEDITFSDKLRLSNAPLKDFPLVKAAFKKFCDT
IARGHTRGLLSYRFPFDILNLKYIYTEKHGLEEYEALYNIIMLFFWLSNRYPNYFIDQESASELKNFCEMIIFEKIDHLK
RNPY
;
B
3 'polyribonucleotide' AGAUAC C
#
loop_
_chem_comp.id
_chem_comp.type
_chem_comp.name
_chem_comp.formula
A RNA linking ADENOSINE-5'-MONOPHOSPHATE 'C10 H14 N5 O7 P'
C RNA linking CYTIDINE-5'-MONOPHOSPHATE 'C9 H14 N3 O8 P'
G RNA linking GUANOSINE-5'-MONOPHOSPHATE 'C10 H14 N5 O8 P'
U RNA linking URIDINE-5'-MONOPHOSPHATE 'C9 H13 N2 O9 P'
#
# COMPACT_ATOMS: atom_id res chain seq x y z
N LEU A 22 -23.03 -13.27 12.72
CA LEU A 22 -21.92 -12.91 11.84
C LEU A 22 -21.59 -11.41 11.89
N SER A 23 -21.95 -10.78 12.99
CA SER A 23 -21.64 -9.38 13.26
C SER A 23 -20.98 -9.28 14.64
N PHE A 24 -20.25 -8.20 14.90
CA PHE A 24 -19.66 -8.10 16.23
C PHE A 24 -19.74 -6.67 16.73
N ASP A 25 -19.61 -6.48 18.04
CA ASP A 25 -19.69 -5.12 18.55
C ASP A 25 -18.30 -4.48 18.63
N PRO A 26 -18.12 -3.34 17.97
CA PRO A 26 -16.91 -2.50 17.95
C PRO A 26 -16.38 -2.08 19.33
N ALA A 27 -17.27 -2.02 20.32
CA ALA A 27 -16.85 -1.73 21.68
C ALA A 27 -15.87 -2.73 22.27
N GLU A 28 -15.90 -3.98 21.81
CA GLU A 28 -15.01 -4.95 22.42
C GLU A 28 -13.59 -4.70 21.90
N LEU A 29 -13.46 -3.95 20.81
CA LEU A 29 -12.15 -3.52 20.33
C LEU A 29 -11.63 -2.57 21.39
N LEU A 30 -12.51 -1.69 21.86
CA LEU A 30 -12.13 -0.74 22.88
C LEU A 30 -11.89 -1.55 24.16
N ARG A 31 -12.74 -2.57 24.37
CA ARG A 31 -12.70 -3.38 25.59
C ARG A 31 -11.58 -4.41 25.65
N THR A 32 -10.91 -4.64 24.52
CA THR A 32 -9.87 -5.67 24.48
C THR A 32 -8.57 -5.20 23.82
N SER A 33 -7.48 -5.90 24.14
CA SER A 33 -6.23 -5.62 23.48
C SER A 33 -5.96 -6.81 22.56
N LEU A 34 -4.93 -6.71 21.73
CA LEU A 34 -4.61 -7.78 20.80
C LEU A 34 -4.46 -9.09 21.54
N ASN A 35 -5.06 -10.14 21.00
CA ASN A 35 -5.15 -11.41 21.72
C ASN A 35 -5.29 -12.59 20.76
N VAL A 36 -5.05 -13.79 21.29
CA VAL A 36 -5.20 -15.01 20.52
C VAL A 36 -6.66 -15.18 20.13
N GLY A 37 -6.91 -15.49 18.86
CA GLY A 37 -8.28 -15.59 18.39
C GLY A 37 -8.72 -14.38 17.59
N ASP A 38 -8.00 -13.28 17.75
CA ASP A 38 -8.28 -12.06 16.99
C ASP A 38 -8.04 -12.34 15.52
N ILE A 39 -8.96 -11.89 14.68
CA ILE A 39 -8.82 -12.08 13.24
C ILE A 39 -8.37 -10.78 12.62
N VAL A 40 -7.26 -10.84 11.89
CA VAL A 40 -6.64 -9.62 11.43
C VAL A 40 -6.27 -9.68 9.97
N LEU A 41 -6.04 -8.52 9.39
CA LEU A 41 -5.42 -8.38 8.08
C LEU A 41 -4.00 -7.82 8.25
N LEU A 42 -3.00 -8.45 7.64
CA LEU A 42 -1.65 -7.91 7.82
C LEU A 42 -1.13 -7.21 6.57
N LYS A 43 -0.26 -6.23 6.78
CA LYS A 43 0.36 -5.46 5.69
C LYS A 43 1.19 -6.35 4.76
N GLN A 44 1.80 -7.41 5.31
CA GLN A 44 2.59 -8.35 4.51
C GLN A 44 1.62 -9.10 3.63
N CYS A 45 0.55 -9.60 4.25
CA CYS A 45 -0.35 -10.54 3.63
C CYS A 45 -1.67 -9.77 3.54
N THR A 46 -1.63 -8.68 2.76
CA THR A 46 -2.77 -7.76 2.64
C THR A 46 -3.90 -8.42 1.90
N SER A 47 -3.58 -9.43 1.10
CA SER A 47 -4.57 -10.06 0.27
C SER A 47 -5.24 -11.25 0.94
N GLU A 48 -4.80 -11.62 2.14
CA GLU A 48 -5.51 -12.64 2.91
C GLU A 48 -5.60 -12.38 4.41
N LEU A 49 -6.70 -12.82 5.00
CA LEU A 49 -6.89 -12.76 6.44
C LEU A 49 -5.97 -13.75 7.17
N THR A 50 -5.62 -13.41 8.40
CA THR A 50 -4.78 -14.26 9.24
C THR A 50 -5.32 -14.24 10.67
N MET A 51 -4.78 -15.10 11.53
CA MET A 51 -5.33 -15.23 12.88
C MET A 51 -4.21 -15.20 13.91
N CYS A 52 -4.33 -14.32 14.90
CA CYS A 52 -3.32 -14.26 15.94
C CYS A 52 -3.17 -15.57 16.67
N VAL A 53 -1.99 -16.17 16.59
CA VAL A 53 -1.77 -17.50 17.16
C VAL A 53 -0.74 -17.41 18.29
N ASN A 54 -0.02 -16.30 18.34
CA ASN A 54 0.94 -16.12 19.41
C ASN A 54 1.33 -14.67 19.76
N LEU A 55 1.66 -14.55 21.04
CA LEU A 55 2.10 -13.36 21.73
C LEU A 55 3.60 -13.15 21.60
N PRO A 56 4.11 -11.95 21.96
CA PRO A 56 5.55 -11.70 21.87
C PRO A 56 6.27 -12.66 22.80
N GLN A 57 7.36 -13.25 22.31
CA GLN A 57 7.99 -14.37 22.99
C GLN A 57 9.14 -13.97 23.93
N SER A 58 9.81 -12.86 23.67
CA SER A 58 10.89 -12.47 24.59
C SER A 58 10.99 -10.97 24.67
N THR A 59 11.79 -10.47 25.60
CA THR A 59 12.16 -9.07 25.58
C THR A 59 12.97 -8.91 24.31
N THR A 60 13.76 -9.94 24.03
CA THR A 60 14.63 -10.03 22.86
C THR A 60 13.85 -10.00 21.55
N ASP A 61 12.80 -10.81 21.49
CA ASP A 61 11.88 -10.74 20.36
C ASP A 61 10.41 -10.64 20.74
N PRO A 62 9.83 -9.46 20.53
CA PRO A 62 8.49 -8.98 20.87
C PRO A 62 7.54 -9.03 19.67
N ARG A 63 7.86 -9.79 18.63
CA ARG A 63 6.96 -9.82 17.48
C ARG A 63 5.89 -10.88 17.70
N TYR A 64 4.74 -10.64 17.07
CA TYR A 64 3.65 -11.59 17.03
C TYR A 64 3.71 -12.67 15.97
N THR A 65 2.99 -13.76 16.23
CA THR A 65 2.89 -14.89 15.32
C THR A 65 1.44 -15.07 14.85
N PHE A 66 1.20 -15.14 13.55
CA PHE A 66 -0.14 -15.30 12.99
C PHE A 66 -0.23 -16.55 12.11
N ALA A 67 -1.37 -17.21 12.05
CA ALA A 67 -1.44 -18.34 11.15
C ALA A 67 -2.39 -17.97 10.03
N LYS A 68 -1.97 -18.28 8.80
CA LYS A 68 -2.80 -18.16 7.61
C LYS A 68 -3.80 -19.31 7.47
N LYS A 69 -4.74 -19.14 6.54
CA LYS A 69 -5.74 -20.16 6.29
C LYS A 69 -5.05 -21.44 5.82
N ASP A 70 -3.89 -21.28 5.18
CA ASP A 70 -3.13 -22.42 4.70
C ASP A 70 -2.36 -23.07 5.82
N GLY A 71 -2.20 -22.35 6.91
CA GLY A 71 -1.62 -22.93 8.09
C GLY A 71 -0.19 -22.45 8.24
N THR A 72 0.30 -21.68 7.27
CA THR A 72 1.62 -21.09 7.39
C THR A 72 1.66 -19.91 8.32
N LEU A 73 2.77 -19.81 9.04
CA LEU A 73 2.94 -18.78 10.02
C LEU A 73 3.47 -17.49 9.40
N VAL A 74 3.16 -16.37 10.04
CA VAL A 74 3.67 -15.08 9.64
C VAL A 74 4.08 -14.34 10.90
N TYR A 75 5.29 -13.81 10.94
CA TYR A 75 5.73 -13.08 12.13
C TYR A 75 5.76 -11.59 11.84
N ALA A 76 5.10 -10.82 12.70
CA ALA A 76 4.98 -9.39 12.46
C ALA A 76 4.92 -8.57 13.75
N MET A 77 5.47 -7.37 13.67
CA MET A 77 5.32 -6.33 14.69
C MET A 77 3.84 -5.95 14.78
N LYS A 78 3.37 -5.65 15.99
CA LYS A 78 1.99 -5.18 16.22
C LYS A 78 1.47 -4.09 15.28
N ASN A 79 2.32 -3.17 14.84
CA ASN A 79 1.88 -2.04 14.02
C ASN A 79 1.59 -2.46 12.57
N SER A 80 1.88 -3.72 12.25
CA SER A 80 1.57 -4.32 10.95
C SER A 80 0.10 -4.74 10.82
N VAL A 81 -0.64 -4.71 11.92
CA VAL A 81 -2.08 -5.04 11.88
C VAL A 81 -2.90 -3.91 11.25
N ILE A 82 -3.62 -4.23 10.18
CA ILE A 82 -4.43 -3.25 9.46
C ILE A 82 -5.83 -3.07 10.04
N LEU A 83 -6.50 -4.18 10.34
CA LEU A 83 -7.82 -4.16 10.97
C LEU A 83 -7.95 -5.38 11.85
N ARG A 84 -8.87 -5.35 12.81
CA ARG A 84 -8.89 -6.40 13.82
C ARG A 84 -10.32 -6.76 14.21
N ILE A 85 -10.55 -8.07 14.34
CA ILE A 85 -11.83 -8.61 14.77
C ILE A 85 -11.70 -9.43 16.05
N PRO A 86 -12.44 -9.06 17.09
CA PRO A 86 -12.29 -9.70 18.40
C PRO A 86 -12.67 -11.18 18.33
N LYS A 87 -12.04 -12.01 19.15
CA LYS A 87 -12.32 -13.44 19.19
C LYS A 87 -13.81 -13.78 19.25
N ASP A 88 -14.19 -14.83 18.54
CA ASP A 88 -15.47 -15.51 18.78
C ASP A 88 -15.25 -17.00 18.93
N PRO A 122 3.40 -24.68 21.24
CA PRO A 122 1.97 -24.55 20.96
C PRO A 122 1.67 -24.43 19.46
N VAL A 123 2.68 -24.70 18.63
CA VAL A 123 2.58 -24.52 17.19
C VAL A 123 2.04 -25.76 16.48
N LEU A 124 1.00 -26.36 17.04
CA LEU A 124 0.39 -27.56 16.48
C LEU A 124 -0.13 -27.33 15.06
N THR A 125 0.46 -28.03 14.08
CA THR A 125 0.07 -27.92 12.68
C THR A 125 -1.41 -28.23 12.55
N ARG A 126 -1.88 -29.17 13.37
CA ARG A 126 -3.26 -29.63 13.34
C ARG A 126 -4.14 -28.69 14.15
N GLN A 127 -4.81 -27.79 13.45
CA GLN A 127 -5.76 -26.86 14.03
C GLN A 127 -6.68 -26.37 12.93
N LEU A 128 -7.77 -27.10 12.69
CA LEU A 128 -8.75 -26.74 11.69
C LEU A 128 -9.45 -25.43 12.04
N ILE A 129 -9.66 -25.21 13.34
CA ILE A 129 -10.30 -24.02 13.90
C ILE A 129 -10.04 -22.72 13.11
N VAL A 130 -8.76 -22.45 12.87
CA VAL A 130 -8.37 -21.21 12.26
C VAL A 130 -8.73 -21.30 10.79
N SER A 131 -8.59 -22.51 10.24
CA SER A 131 -8.64 -22.70 8.80
C SER A 131 -10.03 -22.23 8.47
N PHE A 132 -10.95 -22.74 9.29
CA PHE A 132 -12.37 -22.55 9.11
C PHE A 132 -12.84 -21.12 9.27
N THR A 133 -12.38 -20.45 10.33
CA THR A 133 -12.79 -19.05 10.50
C THR A 133 -12.33 -18.18 9.33
N LEU A 134 -11.02 -18.23 9.09
CA LEU A 134 -10.45 -17.37 8.09
C LEU A 134 -10.99 -17.65 6.70
N ALA A 135 -11.09 -18.92 6.31
CA ALA A 135 -11.55 -19.23 4.97
C ALA A 135 -13.00 -18.77 4.81
N THR A 136 -13.81 -18.97 5.85
CA THR A 136 -15.22 -18.63 5.71
C THR A 136 -15.42 -17.13 5.47
N PHE A 137 -14.90 -16.33 6.41
CA PHE A 137 -15.03 -14.87 6.30
C PHE A 137 -14.36 -14.33 5.02
N THR A 138 -13.21 -14.89 4.64
CA THR A 138 -12.53 -14.42 3.44
C THR A 138 -13.32 -14.70 2.18
N LYS A 139 -13.88 -15.91 2.06
CA LYS A 139 -14.60 -16.25 0.84
C LYS A 139 -15.80 -15.31 0.75
N PHE A 140 -16.53 -15.17 1.85
CA PHE A 140 -17.69 -14.27 1.85
C PHE A 140 -17.39 -12.81 1.48
N ALA A 141 -16.27 -12.28 1.99
CA ALA A 141 -15.93 -10.88 1.72
C ALA A 141 -15.54 -10.75 0.27
N TRP A 142 -14.79 -11.73 -0.18
CA TRP A 142 -14.29 -11.74 -1.53
C TRP A 142 -15.51 -11.71 -2.46
N THR A 143 -16.49 -12.57 -2.17
CA THR A 143 -17.67 -12.68 -3.01
C THR A 143 -18.52 -11.40 -2.97
N GLN A 144 -18.56 -10.75 -1.81
CA GLN A 144 -19.37 -9.53 -1.63
C GLN A 144 -18.78 -8.33 -2.38
N LEU A 145 -17.47 -8.39 -2.67
CA LEU A 145 -16.67 -7.23 -3.11
C LEU A 145 -17.03 -6.42 -4.38
N PRO A 146 -17.32 -7.06 -5.54
CA PRO A 146 -17.59 -6.23 -6.74
C PRO A 146 -18.75 -5.23 -6.61
N ILE A 147 -19.79 -5.69 -5.93
CA ILE A 147 -20.97 -4.89 -5.67
C ILE A 147 -20.52 -3.77 -4.75
N VAL A 148 -19.65 -4.10 -3.79
CA VAL A 148 -19.12 -3.10 -2.89
C VAL A 148 -18.36 -2.04 -3.68
N LEU A 149 -17.63 -2.43 -4.72
CA LEU A 149 -16.92 -1.46 -5.55
C LEU A 149 -17.85 -0.48 -6.26
N LYS A 150 -18.98 -1.00 -6.75
CA LYS A 150 -19.97 -0.15 -7.39
C LYS A 150 -20.59 0.83 -6.38
N LYS A 151 -20.96 0.29 -5.22
CA LYS A 151 -21.56 1.08 -4.15
C LYS A 151 -20.60 2.18 -3.71
N LEU A 152 -19.33 1.81 -3.55
CA LEU A 152 -18.29 2.75 -3.15
C LEU A 152 -18.17 3.88 -4.14
N GLU A 153 -18.17 3.55 -5.42
CA GLU A 153 -18.12 4.57 -6.47
C GLU A 153 -19.29 5.57 -6.35
N LEU A 154 -20.47 5.02 -6.08
CA LEU A 154 -21.67 5.84 -6.03
C LEU A 154 -21.67 6.77 -4.82
N ILE A 155 -21.58 6.18 -3.62
CA ILE A 155 -21.66 7.06 -2.48
C ILE A 155 -20.42 7.94 -2.50
N HIS A 156 -19.35 7.56 -3.21
CA HIS A 156 -18.28 8.55 -3.32
C HIS A 156 -18.81 9.76 -4.01
N ARG A 157 -19.67 9.54 -5.01
CA ARG A 157 -20.23 10.69 -5.70
C ARG A 157 -21.05 11.54 -4.76
N TYR A 158 -21.65 10.93 -3.75
CA TYR A 158 -22.52 11.73 -2.88
C TYR A 158 -21.87 12.33 -1.62
N LEU A 159 -20.94 11.61 -1.00
CA LEU A 159 -20.31 12.06 0.23
C LEU A 159 -19.15 13.02 -0.07
N GLN A 160 -18.63 12.98 -1.30
CA GLN A 160 -17.49 13.82 -1.66
C GLN A 160 -17.88 15.28 -1.69
N ASP A 161 -16.94 16.16 -1.38
CA ASP A 161 -17.18 17.58 -1.45
C ASP A 161 -16.14 18.18 -2.39
N SER A 162 -16.62 18.90 -3.41
CA SER A 162 -15.78 19.48 -4.46
C SER A 162 -14.72 20.43 -3.95
N ARG A 163 -15.00 21.15 -2.87
CA ARG A 163 -14.04 22.11 -2.34
C ARG A 163 -12.76 21.41 -1.85
N GLY A 164 -12.87 20.21 -1.30
CA GLY A 164 -11.69 19.55 -0.78
C GLY A 164 -11.83 18.21 -0.09
N SER A 165 -10.69 17.71 0.38
CA SER A 165 -10.58 16.44 1.11
C SER A 165 -11.47 16.44 2.34
N LYS A 166 -12.19 15.36 2.59
CA LYS A 166 -13.07 15.35 3.75
C LYS A 166 -13.08 13.97 4.42
N HIS A 167 -12.75 13.93 5.70
CA HIS A 167 -12.61 12.64 6.35
C HIS A 167 -13.94 12.08 6.79
N VAL A 168 -13.97 10.76 6.90
CA VAL A 168 -15.12 10.02 7.37
C VAL A 168 -14.74 8.92 8.34
N ASN A 169 -15.57 8.73 9.36
CA ASN A 169 -15.39 7.58 10.23
C ASN A 169 -15.46 6.39 9.30
N PHE A 170 -14.47 5.51 9.38
CA PHE A 170 -14.42 4.35 8.50
C PHE A 170 -15.47 3.29 8.78
N MET A 171 -15.78 3.13 10.05
CA MET A 171 -16.74 2.13 10.49
C MET A 171 -18.10 2.53 9.97
N SER A 172 -18.33 3.84 10.00
CA SER A 172 -19.56 4.46 9.55
C SER A 172 -19.73 4.20 8.08
N LEU A 173 -18.60 4.25 7.37
CA LEU A 173 -18.60 3.99 5.94
C LEU A 173 -19.00 2.56 5.69
N VAL A 174 -18.44 1.66 6.50
CA VAL A 174 -18.77 0.24 6.39
C VAL A 174 -20.27 0.04 6.61
N ARG A 175 -20.81 0.79 7.57
CA ARG A 175 -22.21 0.71 7.95
C ARG A 175 -23.04 1.08 6.73
N ILE A 176 -22.66 2.18 6.09
CA ILE A 176 -23.34 2.66 4.89
C ILE A 176 -23.32 1.64 3.76
N ILE A 177 -22.15 1.07 3.51
CA ILE A 177 -21.98 0.07 2.45
C ILE A 177 -22.86 -1.17 2.67
N LYS A 178 -22.97 -1.59 3.92
CA LYS A 178 -23.81 -2.72 4.29
C LYS A 178 -25.29 -2.45 4.03
N ASN A 179 -25.75 -1.25 4.40
CA ASN A 179 -27.16 -0.89 4.44
C ASN A 179 -27.78 -0.33 3.14
N LEU A 180 -27.12 -0.50 1.99
CA LEU A 180 -27.63 0.11 0.77
C LEU A 180 -27.91 -0.93 -0.31
N ASN A 181 -29.11 -0.84 -0.88
CA ASN A 181 -29.56 -1.69 -1.99
C ASN A 181 -29.51 -0.93 -3.31
N ILE A 182 -28.74 -1.47 -4.25
CA ILE A 182 -28.47 -0.81 -5.52
C ILE A 182 -29.70 -0.53 -6.37
N LYS A 183 -30.69 -1.42 -6.34
CA LYS A 183 -31.91 -1.22 -7.12
C LYS A 183 -32.61 0.05 -6.66
N GLU A 184 -32.73 0.22 -5.35
CA GLU A 184 -33.40 1.38 -4.78
C GLU A 184 -32.53 2.62 -4.97
N ALA A 185 -31.22 2.42 -5.08
CA ALA A 185 -30.26 3.52 -5.26
C ALA A 185 -30.34 4.18 -6.64
N THR A 186 -31.38 3.87 -7.41
CA THR A 186 -31.53 4.41 -8.77
C THR A 186 -32.99 4.76 -9.07
N ILE A 189 -35.64 6.49 -9.38
CA ILE A 189 -36.87 6.62 -8.62
C ILE A 189 -36.81 7.80 -7.64
N ASN A 190 -36.70 7.51 -6.36
CA ASN A 190 -36.50 8.52 -5.33
C ASN A 190 -35.09 8.42 -4.76
N GLY A 191 -34.10 8.48 -5.65
CA GLY A 191 -32.71 8.15 -5.35
C GLY A 191 -31.95 8.94 -4.31
N ASP A 192 -31.56 10.17 -4.65
CA ASP A 192 -30.66 10.97 -3.81
C ASP A 192 -31.16 11.08 -2.36
N ALA A 193 -32.46 11.31 -2.20
CA ALA A 193 -33.01 11.30 -0.87
C ALA A 193 -32.93 9.92 -0.25
N TYR A 194 -33.09 8.86 -1.05
CA TYR A 194 -33.01 7.51 -0.50
C TYR A 194 -31.63 7.30 0.14
N VAL A 195 -30.61 7.75 -0.58
CA VAL A 195 -29.22 7.61 -0.13
C VAL A 195 -28.92 8.39 1.15
N ARG A 196 -29.36 9.65 1.18
CA ARG A 196 -29.07 10.47 2.36
C ARG A 196 -29.93 9.99 3.51
N LYS A 197 -31.02 9.29 3.18
CA LYS A 197 -31.83 8.56 4.14
C LYS A 197 -31.11 7.31 4.61
N VAL A 198 -30.17 6.81 3.82
CA VAL A 198 -29.45 5.59 4.20
C VAL A 198 -28.19 5.99 4.94
N ILE A 199 -27.93 7.29 4.97
CA ILE A 199 -26.71 7.82 5.54
C ILE A 199 -27.13 8.25 6.94
N ASP A 200 -28.25 8.97 7.03
CA ASP A 200 -28.78 9.24 8.35
C ASP A 200 -29.11 7.88 8.96
N GLU A 201 -29.70 6.96 8.18
CA GLU A 201 -30.08 5.68 8.78
C GLU A 201 -28.81 4.87 9.08
N SER A 202 -27.70 5.28 8.47
CA SER A 202 -26.37 4.75 8.80
C SER A 202 -26.07 5.12 10.22
N MET A 203 -26.24 6.40 10.53
CA MET A 203 -25.92 6.91 11.86
C MET A 203 -26.87 6.30 12.92
N SER A 204 -28.15 6.19 12.58
CA SER A 204 -29.14 5.65 13.53
C SER A 204 -28.78 4.23 13.97
N VAL A 205 -29.08 3.92 15.23
CA VAL A 205 -28.71 2.63 15.80
C VAL A 205 -29.93 1.93 16.42
N ASN A 207 -27.88 -3.59 16.07
CA ASN A 207 -27.44 -2.42 16.82
C ASN A 207 -26.26 -1.72 16.13
N LYS A 208 -25.29 -1.30 16.93
CA LYS A 208 -24.08 -0.66 16.43
C LYS A 208 -23.19 -1.65 15.68
N SER A 209 -23.62 -2.91 15.62
CA SER A 209 -22.75 -3.99 15.17
C SER A 209 -22.38 -3.88 13.68
N ILE A 210 -21.26 -4.50 13.35
CA ILE A 210 -20.65 -4.44 12.02
C ILE A 210 -20.40 -5.82 11.42
N ASP A 211 -20.69 -6.02 10.15
CA ASP A 211 -20.35 -7.30 9.54
C ASP A 211 -18.89 -7.24 9.06
N PRO A 212 -18.04 -8.17 9.55
CA PRO A 212 -16.61 -8.39 9.29
C PRO A 212 -16.30 -8.50 7.81
N THR A 213 -17.21 -9.18 7.12
CA THR A 213 -17.10 -9.45 5.70
C THR A 213 -17.19 -8.14 4.92
N THR A 214 -18.20 -7.34 5.25
CA THR A 214 -18.34 -6.06 4.62
C THR A 214 -17.15 -5.19 4.96
N LEU A 215 -16.66 -5.27 6.20
CA LEU A 215 -15.51 -4.46 6.61
C LEU A 215 -14.28 -4.73 5.73
N LEU A 216 -13.96 -6.01 5.57
CA LEU A 216 -12.84 -6.43 4.75
C LEU A 216 -13.02 -6.00 3.29
N ALA A 217 -14.22 -6.28 2.74
CA ALA A 217 -14.52 -6.00 1.35
C ALA A 217 -14.41 -4.49 1.11
N THR A 218 -14.87 -3.71 2.09
CA THR A 218 -14.80 -2.25 2.03
C THR A 218 -13.39 -1.76 2.00
N TYR A 219 -12.54 -2.35 2.83
CA TYR A 219 -11.14 -1.97 2.87
C TYR A 219 -10.48 -2.21 1.50
N TRP A 220 -10.68 -3.42 0.97
CA TRP A 220 -10.14 -3.79 -0.33
C TRP A 220 -10.63 -2.85 -1.42
N GLY A 221 -11.92 -2.53 -1.32
CA GLY A 221 -12.58 -1.67 -2.27
C GLY A 221 -11.99 -0.27 -2.24
N VAL A 222 -11.77 0.25 -1.03
CA VAL A 222 -11.23 1.59 -0.92
C VAL A 222 -9.82 1.62 -1.48
N ARG A 223 -8.97 0.62 -1.20
CA ARG A 223 -7.61 0.64 -1.76
C ARG A 223 -7.57 0.60 -3.30
N GLU A 224 -8.50 -0.20 -3.85
CA GLU A 224 -8.51 -0.39 -5.29
C GLU A 224 -8.92 0.93 -5.87
N GLN A 225 -9.94 1.56 -5.30
CA GLN A 225 -10.35 2.85 -5.85
C GLN A 225 -9.39 3.97 -5.42
N GLN A 226 -8.47 3.68 -4.49
CA GLN A 226 -7.43 4.63 -4.11
C GLN A 226 -6.54 4.79 -5.30
N GLN A 227 -6.44 3.71 -6.09
CA GLN A 227 -5.61 3.82 -7.29
C GLN A 227 -6.17 4.89 -8.25
N ASN A 228 -7.45 5.23 -8.10
CA ASN A 228 -8.08 6.23 -8.96
C ASN A 228 -8.16 7.62 -8.31
N ASN A 229 -7.60 7.75 -7.09
CA ASN A 229 -7.62 9.00 -6.34
C ASN A 229 -9.02 9.40 -5.92
N LEU A 230 -9.85 8.40 -5.64
CA LEU A 230 -11.20 8.63 -5.11
C LEU A 230 -11.15 8.70 -3.60
N TRP A 231 -10.22 7.97 -2.99
CA TRP A 231 -10.12 7.96 -1.54
C TRP A 231 -8.68 8.20 -1.16
N GLY A 232 -8.46 8.70 0.05
CA GLY A 232 -7.10 8.85 0.53
C GLY A 232 -6.59 7.67 1.30
N SER A 233 -5.44 7.85 1.94
CA SER A 233 -4.85 6.77 2.73
C SER A 233 -5.80 6.35 3.86
N VAL A 234 -5.79 5.06 4.19
CA VAL A 234 -6.57 4.56 5.31
C VAL A 234 -5.73 4.62 6.60
N TYR A 235 -6.22 5.35 7.60
CA TYR A 235 -5.49 5.42 8.86
C TYR A 235 -5.96 4.43 9.91
N THR A 236 -5.02 3.69 10.50
CA THR A 236 -5.35 2.70 11.53
C THR A 236 -4.83 3.11 12.90
N ASN A 237 -5.70 3.18 13.89
CA ASN A 237 -5.27 3.50 15.24
C ASN A 237 -4.51 2.35 15.86
N THR A 238 -3.34 2.67 16.39
CA THR A 238 -2.39 1.76 17.01
C THR A 238 -2.84 1.12 18.34
N ALA A 239 -3.73 1.78 19.08
CA ALA A 239 -4.16 1.27 20.38
C ALA A 239 -5.18 0.16 20.18
N LEU A 240 -6.16 0.42 19.32
CA LEU A 240 -7.24 -0.51 19.06
C LEU A 240 -6.86 -1.40 17.89
N LEU A 241 -5.81 -0.99 17.18
CA LEU A 241 -5.34 -1.71 15.99
C LEU A 241 -6.50 -1.83 15.03
N SER A 242 -7.18 -0.71 14.80
CA SER A 242 -8.33 -0.75 13.91
C SER A 242 -8.43 0.54 13.13
N PRO A 243 -9.00 0.49 11.92
CA PRO A 243 -9.08 1.70 11.10
C PRO A 243 -10.04 2.69 11.72
N THR A 244 -9.67 3.96 11.69
CA THR A 244 -10.48 4.95 12.35
C THR A 244 -11.15 5.84 11.32
N THR A 245 -10.38 6.25 10.33
CA THR A 245 -10.88 7.22 9.39
C THR A 245 -10.24 7.09 8.04
N VAL A 246 -10.90 7.68 7.05
CA VAL A 246 -10.33 7.72 5.71
C VAL A 246 -10.78 9.01 5.07
N ALA A 247 -9.93 9.63 4.27
CA ALA A 247 -10.34 10.84 3.57
C ALA A 247 -11.02 10.50 2.25
N VAL A 248 -11.93 11.37 1.84
CA VAL A 248 -12.62 11.26 0.57
C VAL A 248 -12.17 12.46 -0.25
N LEU A 249 -11.42 12.15 -1.29
CA LEU A 249 -10.88 13.18 -2.17
C LEU A 249 -11.94 13.61 -3.17
N PRO A 250 -11.95 14.94 -3.48
CA PRO A 250 -12.89 15.60 -4.37
C PRO A 250 -12.77 15.06 -5.76
N LEU A 251 -13.93 14.78 -6.37
CA LEU A 251 -13.98 14.18 -7.69
C LEU A 251 -13.34 15.07 -8.74
N LYS A 252 -13.78 16.32 -8.85
CA LYS A 252 -13.26 17.19 -9.89
C LYS A 252 -11.75 17.32 -9.76
N LYS A 253 -11.30 17.95 -8.68
CA LYS A 253 -9.88 18.18 -8.46
C LYS A 253 -8.97 16.96 -8.43
N ALA A 254 -9.41 15.82 -7.88
CA ALA A 254 -8.51 14.67 -7.87
C ALA A 254 -8.70 13.57 -8.94
N HIS A 255 -9.95 13.22 -9.28
CA HIS A 255 -10.11 12.15 -10.27
C HIS A 255 -9.98 12.60 -11.71
N LEU A 256 -10.72 13.64 -12.04
CA LEU A 256 -10.79 14.09 -13.40
C LEU A 256 -9.47 14.74 -13.75
N PHE A 257 -8.89 15.45 -12.79
CA PHE A 257 -7.67 16.19 -13.04
C PHE A 257 -6.52 15.26 -13.39
N TYR A 258 -6.35 14.23 -12.58
CA TYR A 258 -5.27 13.28 -12.81
C TYR A 258 -5.52 12.44 -14.04
N GLN A 259 -6.78 12.10 -14.29
CA GLN A 259 -7.13 11.32 -15.47
C GLN A 259 -6.77 12.12 -16.73
N GLU A 260 -7.11 13.41 -16.71
CA GLU A 260 -6.83 14.30 -17.82
C GLU A 260 -5.34 14.40 -17.99
N VAL A 261 -4.62 14.48 -16.87
CA VAL A 261 -3.17 14.61 -16.91
C VAL A 261 -2.55 13.38 -17.55
N ILE A 262 -3.07 12.21 -17.20
CA ILE A 262 -2.51 10.96 -17.72
C ILE A 262 -2.70 10.91 -19.22
N THR A 263 -3.90 11.28 -19.70
CA THR A 263 -4.12 11.21 -21.14
C THR A 263 -3.27 12.25 -21.86
N ARG A 264 -3.19 13.46 -21.28
CA ARG A 264 -2.41 14.54 -21.87
C ARG A 264 -0.93 14.18 -21.96
N LEU A 265 -0.45 13.46 -20.94
CA LEU A 265 0.96 13.08 -20.83
C LEU A 265 1.30 11.85 -21.65
N GLU A 266 0.31 11.06 -22.00
CA GLU A 266 0.61 9.85 -22.74
C GLU A 266 0.37 10.14 -24.21
N SER A 267 -0.33 11.25 -24.48
CA SER A 267 -0.72 11.61 -25.84
C SER A 267 0.47 11.82 -26.75
N ASN A 268 0.32 11.39 -28.00
CA ASN A 268 1.33 11.53 -29.04
C ASN A 268 2.64 10.89 -28.57
N ASP A 269 2.52 9.69 -28.01
CA ASP A 269 3.65 8.95 -27.46
C ASP A 269 4.39 9.88 -26.49
N TYR A 270 3.68 10.36 -25.47
CA TYR A 270 4.31 11.06 -24.35
C TYR A 270 5.04 12.28 -24.89
N GLN A 271 4.41 12.91 -25.88
CA GLN A 271 4.97 14.07 -26.56
C GLN A 271 5.16 15.20 -25.58
N GLU A 272 4.15 15.40 -24.75
CA GLU A 272 4.14 16.46 -23.76
C GLU A 272 5.29 16.24 -22.77
N ILE A 273 5.52 14.99 -22.39
CA ILE A 273 6.64 14.65 -21.51
C ILE A 273 7.99 14.98 -22.17
N LYS A 274 8.16 14.57 -23.43
CA LYS A 274 9.46 14.75 -24.09
C LYS A 274 9.74 16.25 -24.26
N ALA A 275 8.72 16.99 -24.67
CA ALA A 275 8.76 18.43 -24.90
C ALA A 275 9.10 19.16 -23.60
N PHE A 276 8.48 18.69 -22.51
CA PHE A 276 8.75 19.23 -21.19
C PHE A 276 10.21 18.98 -20.82
N ALA A 277 10.68 17.73 -20.97
CA ALA A 277 12.04 17.46 -20.56
C ALA A 277 12.99 18.33 -21.42
N LYS A 278 12.55 18.68 -22.63
CA LYS A 278 13.36 19.55 -23.46
C LYS A 278 13.44 20.91 -22.78
N LEU A 279 12.27 21.43 -22.37
CA LEU A 279 12.21 22.74 -21.74
C LEU A 279 13.05 22.82 -20.45
N VAL A 280 13.02 21.74 -19.66
CA VAL A 280 13.79 21.67 -18.40
C VAL A 280 15.27 21.65 -18.75
N ASN A 281 15.60 20.94 -19.83
CA ASN A 281 16.98 20.85 -20.31
C ASN A 281 17.44 22.19 -20.89
N ASP A 282 16.53 22.92 -21.53
CA ASP A 282 16.88 24.24 -22.07
C ASP A 282 16.75 25.34 -21.02
N LYS A 283 16.33 24.96 -19.81
CA LYS A 283 16.24 25.89 -18.67
C LYS A 283 15.35 27.11 -18.86
N ASP A 284 14.42 27.07 -19.80
CA ASP A 284 13.47 28.16 -19.99
C ASP A 284 12.26 27.91 -19.11
N TYR A 285 12.43 28.14 -17.81
CA TYR A 285 11.40 27.81 -16.82
C TYR A 285 10.14 28.67 -16.87
N HIS A 286 10.18 29.82 -17.52
CA HIS A 286 8.99 30.68 -17.59
C HIS A 286 7.86 29.94 -18.30
N SER A 287 8.19 29.36 -19.46
CA SER A 287 7.19 28.68 -20.24
C SER A 287 6.64 27.50 -19.43
N ILE A 288 7.51 26.84 -18.66
CA ILE A 288 7.08 25.77 -17.77
C ILE A 288 5.99 26.35 -16.88
N ALA A 289 6.26 27.57 -16.40
CA ALA A 289 5.45 28.20 -15.37
C ALA A 289 4.04 28.28 -15.91
N LYS A 290 3.89 29.04 -17.01
CA LYS A 290 2.56 29.35 -17.50
C LYS A 290 1.85 28.14 -18.12
N ARG A 291 2.58 27.30 -18.84
CA ARG A 291 1.95 26.32 -19.72
C ARG A 291 1.79 24.96 -19.03
N TYR A 292 2.76 24.66 -18.17
CA TYR A 292 2.88 23.33 -17.55
C TYR A 292 2.81 23.39 -16.03
N ASP A 293 1.91 24.18 -15.48
CA ASP A 293 1.84 24.27 -14.02
C ASP A 293 1.18 23.03 -13.42
N TYR A 294 0.41 22.30 -14.22
CA TYR A 294 -0.20 21.06 -13.74
C TYR A 294 0.86 19.98 -13.38
N ILE A 295 2.03 20.06 -14.00
CA ILE A 295 3.12 19.16 -13.64
C ILE A 295 3.78 19.57 -12.32
N ARG A 296 3.86 20.87 -12.07
CA ARG A 296 4.40 21.36 -10.80
C ARG A 296 3.43 20.87 -9.74
N THR A 297 2.14 20.99 -10.05
CA THR A 297 1.08 20.49 -9.18
C THR A 297 1.31 19.02 -8.86
N LEU A 298 1.65 18.25 -9.90
CA LEU A 298 1.83 16.81 -9.75
C LEU A 298 3.01 16.50 -8.81
N LEU A 299 4.14 17.16 -9.04
CA LEU A 299 5.34 16.90 -8.23
C LEU A 299 5.07 17.27 -6.79
N ASN A 300 4.31 18.34 -6.60
CA ASN A 300 3.98 18.84 -5.27
C ASN A 300 3.12 17.80 -4.55
N ASP A 301 2.10 17.32 -5.24
CA ASP A 301 1.17 16.32 -4.74
C ASP A 301 1.91 15.03 -4.39
N TYR A 302 2.99 14.76 -5.11
CA TYR A 302 3.85 13.62 -4.82
C TYR A 302 4.64 13.86 -3.55
N ALA A 303 5.24 15.04 -3.45
CA ALA A 303 6.02 15.45 -2.30
C ALA A 303 5.17 15.38 -1.03
N ALA A 304 3.90 15.74 -1.11
CA ALA A 304 3.08 15.73 0.09
C ALA A 304 2.71 14.32 0.55
N GLY A 305 2.92 13.33 -0.31
CA GLY A 305 2.58 11.97 0.03
C GLY A 305 1.10 11.75 -0.22
N ASN A 306 0.52 12.66 -0.99
CA ASN A 306 -0.88 12.58 -1.39
C ASN A 306 -1.17 11.50 -2.43
N ILE A 307 -0.29 11.33 -3.40
CA ILE A 307 -0.49 10.35 -4.47
C ILE A 307 0.62 9.30 -4.51
N GLU A 308 1.31 9.15 -3.37
CA GLU A 308 2.45 8.25 -3.22
C GLU A 308 2.07 6.81 -3.58
N GLU A 309 0.82 6.42 -3.33
CA GLU A 309 0.41 5.05 -3.60
C GLU A 309 -0.14 4.77 -5.00
N ASN A 310 -0.30 5.77 -5.86
CA ASN A 310 -0.81 5.44 -7.20
C ASN A 310 0.43 5.10 -8.03
N ALA A 311 0.51 3.85 -8.50
CA ALA A 311 1.67 3.36 -9.25
C ALA A 311 1.88 4.06 -10.59
N VAL A 312 0.77 4.34 -11.30
CA VAL A 312 0.82 4.99 -12.61
C VAL A 312 1.42 6.40 -12.58
N LEU A 313 1.05 7.21 -11.58
CA LEU A 313 1.61 8.54 -11.50
C LEU A 313 3.11 8.42 -11.22
N THR A 314 3.49 7.39 -10.48
CA THR A 314 4.91 7.16 -10.24
C THR A 314 5.67 6.70 -11.49
N THR A 315 5.09 5.85 -12.33
CA THR A 315 5.81 5.45 -13.55
C THR A 315 5.94 6.68 -14.47
N ILE A 316 4.85 7.43 -14.61
CA ILE A 316 4.84 8.67 -15.39
C ILE A 316 5.95 9.62 -14.93
N ILE A 317 6.05 9.78 -13.62
CA ILE A 317 7.07 10.63 -13.02
C ILE A 317 8.46 10.07 -13.24
N SER A 318 8.57 8.74 -13.26
CA SER A 318 9.85 8.11 -13.55
C SER A 318 10.28 8.48 -14.95
N LYS A 319 9.35 8.43 -15.91
CA LYS A 319 9.67 8.83 -17.27
C LYS A 319 10.10 10.29 -17.34
N ILE A 320 9.38 11.15 -16.62
CA ILE A 320 9.75 12.56 -16.57
C ILE A 320 11.19 12.75 -16.04
N PHE A 321 11.53 12.13 -14.91
CA PHE A 321 12.89 12.23 -14.39
C PHE A 321 13.94 11.63 -15.32
N ARG A 322 13.56 10.51 -15.94
CA ARG A 322 14.43 9.76 -16.85
C ARG A 322 14.80 10.57 -18.10
N HIS A 323 13.87 11.42 -18.51
CA HIS A 323 14.07 12.27 -19.67
C HIS A 323 14.82 13.57 -19.34
N ILE A 324 15.05 13.83 -18.06
CA ILE A 324 15.77 15.04 -17.72
C ILE A 324 17.20 14.69 -17.35
N ASP A 325 18.09 15.43 -18.00
CA ASP A 325 19.51 15.14 -18.12
C ASP A 325 20.29 15.07 -16.81
N MET A 326 20.30 16.17 -16.06
CA MET A 326 21.05 16.23 -14.82
C MET A 326 20.56 15.20 -13.80
N TYR A 327 19.26 14.91 -13.77
CA TYR A 327 18.77 14.01 -12.74
C TYR A 327 18.73 12.58 -13.27
N ARG A 328 19.31 12.37 -14.45
CA ARG A 328 19.07 11.15 -15.20
C ARG A 328 19.70 9.96 -14.48
N ASP A 329 19.13 8.78 -14.65
CA ASP A 329 19.52 7.61 -13.85
C ASP A 329 19.59 7.79 -12.33
N GLN A 330 18.68 8.54 -11.72
CA GLN A 330 18.75 8.67 -10.27
C GLN A 330 17.46 8.18 -9.61
N ASP A 331 17.57 7.78 -8.34
CA ASP A 331 16.43 7.22 -7.61
C ASP A 331 15.20 8.13 -7.57
N VAL A 332 14.03 7.57 -7.86
CA VAL A 332 12.78 8.31 -7.73
C VAL A 332 12.36 8.42 -6.27
N THR A 333 12.53 9.59 -5.67
CA THR A 333 12.20 9.73 -4.26
C THR A 333 11.31 10.95 -4.10
N ARG A 334 10.67 11.06 -2.95
CA ARG A 334 9.88 12.23 -2.62
C ARG A 334 10.83 13.41 -2.61
N SER A 335 11.96 13.21 -1.92
CA SER A 335 13.04 14.18 -1.82
C SER A 335 13.47 14.69 -3.19
N LEU A 336 13.44 13.79 -4.18
CA LEU A 336 13.90 14.13 -5.52
C LEU A 336 12.86 15.02 -6.17
N CYS A 337 11.57 14.71 -5.99
CA CYS A 337 10.52 15.56 -6.50
C CYS A 337 10.57 16.95 -5.87
N GLY A 338 10.89 17.02 -4.59
CA GLY A 338 11.11 18.29 -3.90
C GLY A 338 12.27 19.11 -4.44
N LYS A 339 13.43 18.47 -4.57
CA LYS A 339 14.64 19.11 -5.08
C LYS A 339 14.38 19.60 -6.50
N LEU A 340 13.70 18.77 -7.27
CA LEU A 340 13.37 19.09 -8.65
C LEU A 340 12.45 20.31 -8.68
N LEU A 341 11.48 20.33 -7.78
CA LEU A 341 10.55 21.45 -7.71
C LEU A 341 11.23 22.77 -7.37
N VAL A 342 12.15 22.77 -6.39
CA VAL A 342 12.82 24.02 -6.04
C VAL A 342 13.55 24.57 -7.27
N GLU A 343 14.21 23.69 -8.03
CA GLU A 343 14.95 24.06 -9.24
C GLU A 343 14.08 24.75 -10.30
N ILE A 344 12.77 24.78 -10.07
CA ILE A 344 11.82 25.31 -11.05
C ILE A 344 10.90 26.40 -10.48
N SER A 345 10.46 26.23 -9.24
CA SER A 345 9.64 27.25 -8.57
C SER A 345 10.49 28.23 -7.76
N PRO A 346 9.99 29.46 -7.57
CA PRO A 346 10.67 30.41 -6.68
C PRO A 346 10.07 30.41 -5.26
N GLN A 347 10.90 30.72 -4.27
CA GLN A 347 10.51 30.75 -2.86
C GLN A 347 9.57 29.62 -2.45
N PHE A 353 7.42 20.99 1.86
CA PHE A 353 6.42 20.36 1.02
C PHE A 353 5.45 19.46 1.80
N ILE A 354 5.78 19.16 3.06
CA ILE A 354 4.92 18.31 3.88
C ILE A 354 3.57 18.98 4.07
N LEU A 355 3.57 20.30 4.11
CA LEU A 355 2.36 21.09 4.32
C LEU A 355 1.32 20.90 3.21
N GLY A 356 1.78 20.47 2.03
CA GLY A 356 0.87 20.24 0.93
C GLY A 356 -0.02 19.03 1.12
N ASN A 357 0.25 18.25 2.17
CA ASN A 357 -0.49 17.01 2.35
C ASN A 357 -1.96 17.32 2.57
N TRP A 358 -2.81 16.58 1.90
CA TRP A 358 -4.25 16.77 2.00
C TRP A 358 -4.76 16.34 3.35
N ASP A 359 -4.15 15.32 3.96
CA ASP A 359 -4.63 14.86 5.24
C ASP A 359 -4.25 15.95 6.23
N LEU A 360 -3.04 16.50 6.11
CA LEU A 360 -2.68 17.65 6.96
C LEU A 360 -3.68 18.71 6.49
N ASN A 361 -4.85 18.78 7.14
CA ASN A 361 -5.76 19.93 6.98
C ASN A 361 -5.18 21.35 7.02
N ILE A 362 -4.01 21.54 6.41
CA ILE A 362 -3.47 22.88 6.20
C ILE A 362 -4.33 23.60 5.17
N PRO A 363 -4.55 24.90 5.35
CA PRO A 363 -5.14 25.73 4.29
C PRO A 363 -4.10 26.43 3.41
N LYS A 364 -4.23 26.28 2.09
CA LYS A 364 -3.35 26.98 1.15
C LYS A 364 -3.94 26.97 -0.27
N SER A 366 -7.24 22.38 -0.47
CA SER A 366 -7.38 22.83 0.90
C SER A 366 -8.58 23.79 1.05
N GLY A 367 -9.10 24.23 -0.09
CA GLY A 367 -10.26 25.12 -0.19
C GLY A 367 -11.31 25.18 0.91
N ILE A 368 -11.35 24.15 1.74
CA ILE A 368 -12.28 24.08 2.84
C ILE A 368 -11.56 24.62 4.03
N SER A 369 -10.31 24.23 4.19
CA SER A 369 -9.56 24.76 5.30
C SER A 369 -9.40 26.26 5.05
N SER A 370 -9.27 26.70 3.79
CA SER A 370 -9.20 28.13 3.53
C SER A 370 -10.55 28.84 3.79
N VAL A 371 -11.67 28.17 3.52
CA VAL A 371 -12.97 28.79 3.81
C VAL A 371 -13.13 28.95 5.32
N GLU A 372 -12.83 27.88 6.04
CA GLU A 372 -12.99 27.84 7.48
C GLU A 372 -12.03 28.81 8.15
N GLN A 373 -10.81 28.93 7.65
CA GLN A 373 -9.87 29.85 8.26
C GLN A 373 -10.33 31.28 7.93
N LYS A 374 -11.08 31.42 6.83
CA LYS A 374 -11.68 32.70 6.48
C LYS A 374 -12.83 33.03 7.45
N LEU A 375 -13.47 31.99 7.98
CA LEU A 375 -14.48 32.17 9.01
C LEU A 375 -13.80 32.54 10.32
N TYR A 376 -12.74 31.83 10.67
CA TYR A 376 -12.04 32.06 11.91
C TYR A 376 -11.49 33.48 11.95
N ASP A 377 -11.03 33.97 10.80
CA ASP A 377 -10.46 35.32 10.77
C ASP A 377 -11.57 36.33 11.08
N THR A 378 -12.77 36.03 10.57
CA THR A 378 -13.96 36.87 10.72
C THR A 378 -14.95 36.48 11.84
N ALA A 379 -14.53 36.42 13.10
CA ALA A 379 -15.48 35.95 14.12
C ALA A 379 -15.34 36.62 15.48
N MET A 380 -16.51 36.86 16.09
CA MET A 380 -16.64 37.57 17.36
C MET A 380 -17.59 36.80 18.28
N PRO A 381 -17.20 36.61 19.54
CA PRO A 381 -18.11 35.92 20.45
C PRO A 381 -19.18 36.87 20.98
N VAL A 384 -23.92 36.99 28.61
CA VAL A 384 -24.93 36.41 29.47
C VAL A 384 -24.31 35.56 30.58
N SER A 385 -23.11 35.95 31.01
CA SER A 385 -22.35 35.17 31.99
C SER A 385 -23.15 34.96 33.27
N ASP A 386 -23.45 33.69 33.56
CA ASP A 386 -24.29 33.33 34.68
C ASP A 386 -23.79 33.92 36.00
N THR A 387 -24.61 34.79 36.60
CA THR A 387 -24.33 35.35 37.92
C THR A 387 -24.15 34.22 38.92
N ASP A 388 -24.77 33.09 38.63
CA ASP A 388 -24.58 31.84 39.36
C ASP A 388 -23.12 31.37 39.38
N ARG A 389 -22.20 32.25 39.00
CA ARG A 389 -20.77 31.94 39.04
C ARG A 389 -20.08 32.36 40.33
N TYR A 390 -19.23 31.47 40.82
CA TYR A 390 -18.39 31.69 42.00
C TYR A 390 -17.34 32.77 41.76
N ASP A 391 -17.13 33.64 42.74
CA ASP A 391 -16.11 34.68 42.60
C ASP A 391 -14.92 34.24 43.43
N PHE A 392 -13.74 34.14 42.83
CA PHE A 392 -12.57 33.68 43.55
C PHE A 392 -11.84 34.84 44.20
N GLY A 393 -12.34 36.06 43.99
CA GLY A 393 -11.78 37.22 44.63
C GLY A 393 -10.34 37.64 44.37
N ASP A 394 -9.64 37.93 45.47
CA ASP A 394 -8.30 38.50 45.44
C ASP A 394 -7.18 37.44 45.54
N MET A 395 -7.51 36.16 45.38
CA MET A 395 -6.46 35.14 45.32
C MET A 395 -5.49 35.39 44.17
N CYS A 399 0.78 29.59 36.53
CA CYS A 399 0.67 29.17 35.14
C CYS A 399 2.05 29.00 34.50
N ILE A 400 2.56 27.79 34.54
CA ILE A 400 3.93 27.51 34.11
C ILE A 400 3.92 27.17 32.62
N ASP A 401 4.20 28.18 31.80
CA ASP A 401 4.20 27.99 30.36
C ASP A 401 5.50 28.53 29.79
N SER A 402 5.73 28.30 28.51
CA SER A 402 6.87 28.91 27.86
C SER A 402 6.65 30.40 27.60
N GLU A 403 7.74 31.12 27.38
CA GLU A 403 7.67 32.53 27.05
C GLU A 403 6.88 32.67 25.77
N ASP A 404 7.19 31.78 24.84
CA ASP A 404 6.62 31.78 23.51
C ASP A 404 5.40 30.86 23.47
N ALA A 405 4.45 31.11 24.36
CA ALA A 405 3.27 30.26 24.50
C ALA A 405 2.10 31.04 23.93
N HIS A 406 1.18 30.36 23.28
CA HIS A 406 0.08 31.07 22.62
C HIS A 406 -1.15 31.15 23.52
N GLU A 407 -1.75 30.02 23.86
CA GLU A 407 -2.94 30.06 24.70
C GLU A 407 -2.61 29.66 26.13
N ILE A 408 -3.05 30.45 27.11
CA ILE A 408 -2.84 30.07 28.50
C ILE A 408 -4.15 29.58 29.13
N ASN A 409 -4.29 28.27 29.26
CA ASN A 409 -5.56 27.68 29.67
C ASN A 409 -5.68 27.46 31.17
N ASP A 410 -4.53 27.22 31.82
CA ASP A 410 -4.49 26.85 33.23
C ASP A 410 -5.14 27.88 34.14
N ILE A 428 -9.23 26.80 35.18
CA ILE A 428 -9.18 26.46 33.76
C ILE A 428 -10.07 27.39 32.94
N ALA A 429 -9.55 27.90 31.83
CA ALA A 429 -10.30 28.77 30.93
C ALA A 429 -11.65 28.18 30.52
N ASP A 430 -12.56 29.08 30.14
CA ASP A 430 -13.93 28.70 29.81
C ASP A 430 -14.30 29.12 28.38
N PRO A 431 -13.76 28.41 27.38
CA PRO A 431 -14.14 28.76 26.01
C PRO A 431 -15.58 28.34 25.73
N ALA A 432 -16.04 27.30 26.42
CA ALA A 432 -17.37 26.77 26.23
C ALA A 432 -18.41 27.87 26.50
N GLY A 433 -18.06 28.80 27.40
CA GLY A 433 -18.97 29.90 27.69
C GLY A 433 -19.18 30.78 26.47
N LEU A 434 -18.24 30.74 25.53
CA LEU A 434 -18.29 31.64 24.39
C LEU A 434 -19.32 31.13 23.37
N PHE A 435 -19.93 29.98 23.65
CA PHE A 435 -20.89 29.38 22.71
C PHE A 435 -22.31 29.33 23.24
N PRO A 436 -23.29 29.58 22.36
CA PRO A 436 -24.71 29.48 22.66
C PRO A 436 -25.13 28.09 23.13
N GLU A 437 -24.45 27.06 22.65
CA GLU A 437 -24.78 25.67 23.00
C GLU A 437 -24.63 25.42 24.50
N SER A 438 -23.79 26.25 25.13
CA SER A 438 -23.51 26.18 26.56
C SER A 438 -24.78 26.41 27.37
N PHE A 439 -25.68 27.24 26.83
CA PHE A 439 -26.91 27.57 27.55
C PHE A 439 -28.21 27.21 26.82
N ASP A 440 -28.13 26.75 25.58
CA ASP A 440 -29.35 26.66 24.78
C ASP A 440 -29.68 25.19 24.58
N TYR A 441 -30.67 24.71 25.33
CA TYR A 441 -31.05 23.30 25.29
C TYR A 441 -32.26 23.16 24.38
N THR A 442 -32.66 24.30 23.83
CA THR A 442 -33.73 24.37 22.84
C THR A 442 -33.39 23.61 21.57
N LYS A 443 -32.18 23.78 21.09
CA LYS A 443 -31.73 23.14 19.86
C LYS A 443 -30.83 21.95 20.18
N SER A 444 -31.19 20.79 19.65
CA SER A 444 -30.42 19.58 19.90
C SER A 444 -29.21 19.48 18.99
N GLY A 445 -28.16 18.83 19.50
CA GLY A 445 -26.90 18.68 18.81
C GLY A 445 -26.08 19.96 18.74
N ILE A 446 -25.14 20.00 17.80
CA ILE A 446 -24.26 21.14 17.63
C ILE A 446 -24.75 21.98 16.45
N SER A 447 -25.13 23.22 16.73
CA SER A 447 -25.75 24.09 15.74
C SER A 447 -24.79 25.18 15.28
N ASP A 448 -23.82 25.54 16.12
CA ASP A 448 -23.03 26.73 15.85
C ASP A 448 -21.86 26.41 14.94
N ASP A 449 -21.56 27.35 14.03
CA ASP A 449 -20.59 27.10 12.99
C ASP A 449 -19.17 27.01 13.52
N VAL A 450 -18.76 27.99 14.32
CA VAL A 450 -17.41 27.99 14.87
C VAL A 450 -17.21 26.79 15.77
N LEU A 451 -18.26 26.42 16.51
CA LEU A 451 -18.18 25.27 17.37
C LEU A 451 -17.98 23.99 16.56
N ARG A 452 -18.77 23.86 15.49
CA ARG A 452 -18.72 22.66 14.65
C ARG A 452 -17.36 22.49 14.01
N VAL A 453 -16.81 23.60 13.52
CA VAL A 453 -15.49 23.62 12.90
C VAL A 453 -14.43 23.27 13.93
N SER A 454 -14.59 23.82 15.13
CA SER A 454 -13.64 23.63 16.20
C SER A 454 -13.59 22.15 16.50
N LEU A 455 -14.76 21.51 16.55
CA LEU A 455 -14.82 20.08 16.80
C LEU A 455 -14.26 19.23 15.67
N LYS A 456 -14.36 19.69 14.42
CA LYS A 456 -13.76 18.93 13.33
C LYS A 456 -12.24 18.89 13.51
N ARG A 457 -11.67 20.04 13.86
CA ARG A 457 -10.28 20.11 14.25
C ARG A 457 -10.18 19.67 15.69
N ALA A 458 -10.02 18.38 15.90
CA ALA A 458 -10.19 17.81 17.22
C ALA A 458 -9.22 18.43 18.22
N PHE A 459 -8.10 18.95 17.71
CA PHE A 459 -7.10 19.55 18.57
C PHE A 459 -6.53 20.81 17.94
N THR A 460 -5.83 21.61 18.74
CA THR A 460 -4.99 22.63 18.16
C THR A 460 -3.87 21.87 17.48
N THR A 461 -3.45 22.34 16.31
CA THR A 461 -2.38 21.64 15.61
C THR A 461 -1.05 22.34 15.86
N TYR A 462 -0.16 21.69 16.60
CA TYR A 462 1.10 22.33 16.94
C TYR A 462 2.31 21.69 16.26
N LEU A 463 2.94 22.42 15.35
CA LEU A 463 4.13 21.91 14.67
C LEU A 463 5.25 22.96 14.72
N PRO A 464 6.52 22.51 14.69
CA PRO A 464 7.67 23.42 14.69
C PRO A 464 7.59 24.41 13.51
N ASP A 465 7.01 23.94 12.41
CA ASP A 465 6.79 24.74 11.21
C ASP A 465 5.74 25.81 11.43
N LEU A 466 4.60 25.44 12.01
CA LEU A 466 3.47 26.36 12.12
C LEU A 466 2.47 25.91 13.18
N VAL A 467 1.47 26.74 13.43
CA VAL A 467 0.41 26.40 14.38
C VAL A 467 -0.99 26.62 13.83
N VAL A 468 -1.85 25.61 13.97
CA VAL A 468 -3.24 25.81 13.60
C VAL A 468 -4.13 25.65 14.84
N PRO A 469 -4.54 26.78 15.44
CA PRO A 469 -5.25 26.70 16.71
C PRO A 469 -6.64 26.10 16.52
N MET A 470 -7.09 25.30 17.46
CA MET A 470 -8.40 24.66 17.35
C MET A 470 -9.51 25.71 17.38
N LEU A 471 -9.22 26.84 18.00
CA LEU A 471 -10.19 27.91 18.19
C LEU A 471 -9.71 29.14 17.43
N PRO A 472 -10.64 30.05 17.07
CA PRO A 472 -10.18 31.24 16.35
C PRO A 472 -9.28 32.13 17.21
N LYS A 473 -8.48 32.98 16.59
CA LYS A 473 -7.57 33.85 17.32
C LYS A 473 -8.30 34.81 18.26
N SER A 474 -9.41 35.37 17.80
CA SER A 474 -10.17 36.35 18.58
C SER A 474 -10.63 35.76 19.91
N PHE A 475 -11.22 34.57 19.82
CA PHE A 475 -11.71 33.84 20.99
C PHE A 475 -10.62 33.36 21.93
N CYS A 476 -9.45 33.01 21.40
CA CYS A 476 -8.35 32.61 22.26
C CYS A 476 -7.84 33.84 22.99
N ASN A 477 -7.72 34.95 22.27
CA ASN A 477 -7.28 36.21 22.87
C ASN A 477 -8.22 36.62 24.00
N ARG A 478 -9.53 36.47 23.77
CA ARG A 478 -10.53 36.76 24.79
C ARG A 478 -10.46 35.83 26.00
N ALA A 479 -10.45 34.53 25.73
CA ALA A 479 -10.68 33.53 26.77
C ALA A 479 -9.41 33.13 27.51
N ASP A 480 -8.25 33.51 27.00
CA ASP A 480 -6.99 33.01 27.55
C ASP A 480 -6.84 33.59 28.95
N LEU A 481 -6.37 32.78 29.88
CA LEU A 481 -6.11 33.25 31.24
C LEU A 481 -4.74 33.90 31.33
N GLY A 482 -4.72 35.22 31.47
CA GLY A 482 -3.49 35.95 31.76
C GLY A 482 -3.70 37.03 32.78
N ASP A 485 -4.46 40.73 37.30
CA ASP A 485 -4.40 42.03 36.66
C ASP A 485 -5.30 42.07 35.42
N ARG A 486 -6.38 41.31 35.46
CA ARG A 486 -7.33 41.20 34.35
C ARG A 486 -8.57 40.46 34.82
N LYS A 487 -9.76 40.99 34.53
CA LYS A 487 -10.97 40.24 34.83
C LYS A 487 -11.07 39.04 33.92
N THR A 488 -11.10 37.87 34.53
CA THR A 488 -10.97 36.60 33.81
C THR A 488 -12.05 35.59 34.17
N GLU A 489 -12.89 35.29 33.17
CA GLU A 489 -14.02 34.39 33.33
C GLU A 489 -13.41 33.00 33.51
N THR A 490 -13.95 32.16 34.39
CA THR A 490 -13.29 30.85 34.53
C THR A 490 -14.22 29.65 34.67
N ILE A 491 -13.62 28.46 34.65
CA ILE A 491 -14.28 27.24 35.10
C ILE A 491 -13.61 26.61 36.32
N SER A 492 -12.52 27.22 36.79
CA SER A 492 -11.64 26.61 37.80
C SER A 492 -12.35 26.21 39.08
N GLY A 504 1.54 10.44 55.69
CA GLY A 504 0.78 10.06 54.52
C GLY A 504 -0.17 11.14 54.07
N LEU A 505 -0.95 10.85 53.03
CA LEU A 505 -1.87 11.84 52.49
C LEU A 505 -3.28 11.28 52.38
N HIS A 506 -4.27 12.16 52.45
CA HIS A 506 -5.66 11.81 52.23
C HIS A 506 -6.35 12.81 51.31
N VAL A 507 -7.24 12.32 50.45
CA VAL A 507 -7.89 13.17 49.46
C VAL A 507 -9.33 13.46 49.88
N ASP A 508 -9.61 14.73 50.15
CA ASP A 508 -10.93 15.17 50.59
C ASP A 508 -11.86 15.28 49.39
N TYR A 509 -12.73 14.29 49.22
CA TYR A 509 -13.56 14.21 48.02
C TYR A 509 -14.67 15.25 48.00
N ASP A 510 -15.00 15.79 49.17
CA ASP A 510 -16.09 16.76 49.28
C ASP A 510 -15.61 18.02 49.99
N LEU A 516 -18.57 27.76 36.81
CA LEU A 516 -18.20 29.06 36.25
C LEU A 516 -17.68 30.01 37.34
N GLY A 517 -16.52 30.60 37.12
CA GLY A 517 -15.81 31.35 38.13
C GLY A 517 -15.45 32.76 37.68
N ILE A 518 -14.77 33.49 38.56
CA ILE A 518 -14.17 34.77 38.22
C ILE A 518 -12.82 34.88 38.91
N VAL A 519 -11.81 35.40 38.21
CA VAL A 519 -10.48 35.60 38.78
C VAL A 519 -9.89 36.91 38.27
N SER A 520 -8.98 37.55 39.01
CA SER A 520 -8.41 38.79 38.49
C SER A 520 -6.94 39.14 38.78
N ASN A 521 -6.28 38.46 39.69
CA ASN A 521 -4.88 38.79 40.01
C ASN A 521 -3.92 37.83 39.28
N PHE A 522 -3.22 38.31 38.25
CA PHE A 522 -2.34 37.43 37.46
C PHE A 522 -0.85 37.83 37.39
N PRO A 523 -0.03 37.20 38.25
CA PRO A 523 1.45 37.21 38.35
C PRO A 523 2.22 36.76 37.10
N LYS A 524 3.23 37.54 36.71
CA LYS A 524 4.02 37.25 35.52
C LYS A 524 5.04 36.13 35.76
N VAL A 525 4.89 35.00 35.08
CA VAL A 525 5.69 33.83 35.43
C VAL A 525 5.92 32.87 34.27
N THR A 526 7.01 32.11 34.35
CA THR A 526 7.37 31.15 33.32
C THR A 526 7.89 29.86 33.95
N TYR A 527 7.98 28.80 33.14
CA TYR A 527 8.47 27.51 33.61
C TYR A 527 9.85 27.62 34.24
N ASP A 528 10.72 28.38 33.56
CA ASP A 528 12.08 28.61 34.04
C ASP A 528 11.99 29.45 35.29
N LYS A 529 11.13 30.47 35.24
CA LYS A 529 10.95 31.41 36.33
C LYS A 529 10.46 30.66 37.55
N VAL A 530 9.49 29.78 37.35
CA VAL A 530 8.97 28.93 38.41
C VAL A 530 10.07 28.06 39.00
N ASP A 531 10.91 27.48 38.15
CA ASP A 531 12.00 26.63 38.62
C ASP A 531 12.95 27.43 39.51
N SER A 532 13.24 28.66 39.11
CA SER A 532 14.13 29.56 39.86
C SER A 532 13.56 30.03 41.20
N ILE A 533 14.40 30.72 41.97
CA ILE A 533 14.04 31.26 43.27
C ILE A 533 15.04 32.32 43.71
N LYS A 544 5.98 35.54 50.48
CA LYS A 544 4.81 34.84 51.01
C LYS A 544 4.19 33.96 49.94
N GLN A 545 4.04 34.52 48.73
CA GLN A 545 3.46 33.82 47.60
C GLN A 545 4.38 32.67 47.23
N LYS A 546 5.69 32.96 47.25
CA LYS A 546 6.72 31.96 47.02
C LYS A 546 6.60 30.82 48.02
N LYS A 547 6.26 31.12 49.28
CA LYS A 547 6.15 30.10 50.30
C LYS A 547 4.97 29.20 49.95
N GLN A 548 3.92 29.82 49.40
CA GLN A 548 2.71 29.10 49.01
C GLN A 548 3.13 28.15 47.89
N LEU A 549 3.97 28.66 47.00
CA LEU A 549 4.49 27.89 45.87
C LEU A 549 5.32 26.72 46.36
N GLU A 550 6.13 26.93 47.40
CA GLU A 550 7.01 25.88 47.92
C GLU A 550 6.14 24.78 48.51
N LEU A 551 5.06 25.22 49.14
CA LEU A 551 4.11 24.32 49.78
C LEU A 551 3.49 23.50 48.67
N LEU A 552 3.16 24.16 47.56
CA LEU A 552 2.63 23.51 46.38
C LEU A 552 3.60 22.50 45.75
N HIS A 553 4.87 22.85 45.58
CA HIS A 553 5.81 21.91 44.98
C HIS A 553 5.95 20.67 45.86
N THR A 554 6.03 20.89 47.17
CA THR A 554 6.18 19.81 48.14
C THR A 554 4.93 18.90 48.10
N LEU A 555 3.79 19.57 47.93
CA LEU A 555 2.49 18.91 47.81
C LEU A 555 2.46 18.07 46.55
N ALA A 556 3.01 18.61 45.47
CA ALA A 556 3.06 17.93 44.19
C ALA A 556 3.89 16.67 44.34
N THR A 557 5.02 16.80 45.04
CA THR A 557 5.92 15.67 45.26
C THR A 557 5.17 14.61 46.06
N LYS A 558 4.30 15.07 46.96
CA LYS A 558 3.46 14.18 47.76
C LYS A 558 2.39 13.49 46.88
N LEU A 559 1.85 14.22 45.92
CA LEU A 559 0.88 13.68 44.96
C LEU A 559 1.52 12.60 44.11
N LEU A 560 2.72 12.88 43.60
CA LEU A 560 3.44 11.93 42.76
C LEU A 560 3.77 10.71 43.60
N HIS A 561 4.28 10.94 44.81
CA HIS A 561 4.63 9.82 45.70
C HIS A 561 3.43 8.94 46.00
N LYS A 562 2.25 9.57 46.17
CA LYS A 562 1.03 8.82 46.43
C LYS A 562 0.66 7.99 45.20
N ARG A 563 0.67 8.64 44.04
CA ARG A 563 0.29 7.99 42.80
C ARG A 563 1.20 6.79 42.56
N ILE A 564 2.48 6.97 42.84
CA ILE A 564 3.49 5.94 42.68
C ILE A 564 3.29 4.76 43.63
N HIS A 565 3.22 5.02 44.93
CA HIS A 565 3.24 3.94 45.91
C HIS A 565 1.86 3.30 46.11
N ASP A 566 0.81 4.01 45.77
CA ASP A 566 -0.55 3.55 46.05
C ASP A 566 -1.30 3.19 44.76
N ASP A 567 -0.94 3.84 43.66
CA ASP A 567 -1.65 3.65 42.40
C ASP A 567 -0.78 2.92 41.39
N ASN A 568 0.43 2.52 41.82
CA ASN A 568 1.40 1.87 40.92
C ASN A 568 1.55 2.67 39.63
N ALA A 569 1.64 3.99 39.77
CA ALA A 569 1.81 4.91 38.66
C ALA A 569 3.16 4.86 37.97
N VAL A 570 3.14 5.26 36.70
CA VAL A 570 4.32 5.35 35.83
C VAL A 570 4.90 3.98 35.50
N PHE A 576 12.40 10.71 27.21
CA PHE A 576 12.50 10.63 25.75
C PHE A 576 12.43 12.02 25.11
N ASN A 577 13.57 12.70 25.07
CA ASN A 577 13.66 14.02 24.47
C ASN A 577 14.79 14.09 23.45
N LYS A 578 14.81 15.15 22.66
CA LYS A 578 15.89 15.42 21.70
C LYS A 578 16.02 14.29 20.68
N CYS A 592 12.44 29.16 9.58
CA CYS A 592 13.17 28.47 8.54
C CYS A 592 14.53 27.98 9.05
N ILE A 593 14.76 28.12 10.33
CA ILE A 593 16.03 27.69 10.95
C ILE A 593 15.79 26.66 12.03
N PRO A 594 16.28 25.43 11.82
CA PRO A 594 15.96 24.32 12.72
C PRO A 594 16.82 24.39 13.99
N THR A 595 16.20 24.17 15.14
CA THR A 595 16.96 24.10 16.38
C THR A 595 16.56 22.89 17.21
N PHE A 596 17.50 22.36 17.98
CA PHE A 596 17.25 21.10 18.67
C PHE A 596 17.44 21.32 20.17
N TYR A 597 16.67 20.58 20.96
CA TYR A 597 16.75 20.67 22.40
C TYR A 597 16.31 19.36 23.02
N ASP A 598 16.54 19.19 24.32
CA ASP A 598 16.13 17.98 25.02
C ASP A 598 14.93 18.27 25.92
N GLN A 601 12.62 18.18 32.16
CA GLN A 601 11.64 17.80 33.18
C GLN A 601 12.08 18.30 34.56
N THR A 602 11.30 19.21 35.13
CA THR A 602 11.73 19.91 36.33
C THR A 602 10.75 19.74 37.49
N LYS A 603 11.06 20.40 38.60
CA LYS A 603 10.21 20.42 39.78
C LYS A 603 8.90 21.04 39.33
N SER A 604 9.03 22.08 38.53
CA SER A 604 7.92 22.86 38.02
C SER A 604 7.07 21.93 37.16
N THR A 605 7.73 21.13 36.33
CA THR A 605 7.04 20.18 35.48
C THR A 605 6.39 19.05 36.30
N LEU A 606 7.07 18.63 37.38
CA LEU A 606 6.51 17.61 38.24
C LEU A 606 5.19 18.13 38.83
N LEU A 607 5.24 19.40 39.21
CA LEU A 607 4.15 20.14 39.83
C LEU A 607 2.93 20.24 38.94
N VAL A 608 3.14 20.79 37.74
CA VAL A 608 2.04 20.99 36.82
C VAL A 608 1.49 19.63 36.44
N SER A 609 2.35 18.70 36.06
CA SER A 609 1.84 17.41 35.58
C SER A 609 1.01 16.71 36.66
N GLU A 610 1.51 16.74 37.89
CA GLU A 610 0.83 16.07 39.01
C GLU A 610 -0.53 16.69 39.34
N PHE A 611 -0.61 18.02 39.24
CA PHE A 611 -1.87 18.69 39.55
C PHE A 611 -2.87 18.58 38.41
N MET A 612 -2.36 18.42 37.19
CA MET A 612 -3.22 18.22 36.03
C MET A 612 -3.82 16.82 36.07
N ILE A 613 -2.96 15.84 36.37
CA ILE A 613 -3.40 14.46 36.54
C ILE A 613 -4.45 14.38 37.63
N LEU A 614 -4.23 15.10 38.73
CA LEU A 614 -5.19 15.07 39.83
C LEU A 614 -6.54 15.69 39.44
N THR A 615 -6.50 16.90 38.89
CA THR A 615 -7.73 17.55 38.42
C THR A 615 -8.53 16.64 37.50
N ASN A 616 -7.85 16.05 36.52
CA ASN A 616 -8.56 15.17 35.58
C ASN A 616 -9.12 13.89 36.20
N LYS A 617 -8.42 13.32 37.19
CA LYS A 617 -8.99 12.16 37.90
C LYS A 617 -10.22 12.57 38.72
N LEU A 618 -10.13 13.68 39.44
CA LEU A 618 -11.24 14.13 40.28
C LEU A 618 -12.48 14.44 39.44
N CYS A 619 -12.28 15.05 38.26
CA CYS A 619 -13.42 15.34 37.38
C CYS A 619 -13.96 14.06 36.73
N ALA A 620 -13.07 13.06 36.56
CA ALA A 620 -13.51 11.74 36.13
C ALA A 620 -14.52 11.23 37.16
N ALA A 621 -14.14 11.33 38.43
CA ALA A 621 -14.96 10.85 39.53
C ALA A 621 -16.30 11.60 39.56
N PHE A 622 -16.27 12.92 39.40
CA PHE A 622 -17.48 13.74 39.47
C PHE A 622 -18.45 13.34 38.35
N PHE A 623 -17.91 13.15 37.14
CA PHE A 623 -18.73 12.78 36.01
C PHE A 623 -19.33 11.37 36.20
N GLN A 624 -18.53 10.45 36.72
CA GLN A 624 -18.97 9.07 36.91
C GLN A 624 -20.06 9.00 37.97
N GLU A 625 -19.84 9.69 39.09
CA GLU A 625 -20.73 9.67 40.24
C GLU A 625 -22.05 10.37 39.90
N ASN A 626 -21.97 11.41 39.09
CA ASN A 626 -23.19 12.11 38.67
C ASN A 626 -23.78 11.50 37.41
N LYS A 627 -23.19 10.39 36.96
CA LYS A 627 -23.66 9.68 35.78
C LYS A 627 -23.74 10.60 34.57
N ILE A 628 -22.66 11.35 34.33
CA ILE A 628 -22.61 12.23 33.17
C ILE A 628 -21.77 11.55 32.10
N PRO A 629 -22.34 11.41 30.89
CA PRO A 629 -21.60 10.84 29.77
C PRO A 629 -20.48 11.78 29.37
N GLY A 630 -19.27 11.24 29.23
CA GLY A 630 -18.12 12.05 28.88
C GLY A 630 -17.11 11.33 28.00
N VAL A 631 -16.23 12.11 27.39
CA VAL A 631 -15.12 11.60 26.58
C VAL A 631 -13.93 11.34 27.49
N TYR A 632 -13.58 10.06 27.65
CA TYR A 632 -12.52 9.68 28.57
C TYR A 632 -11.23 9.44 27.80
N ARG A 633 -10.14 9.46 28.55
CA ARG A 633 -8.84 9.09 28.02
C ARG A 633 -8.33 7.86 28.76
N CYS A 634 -7.94 6.84 28.00
CA CYS A 634 -7.62 5.53 28.54
C CYS A 634 -6.26 5.04 28.07
N ASN A 642 4.91 -14.14 30.07
CA ASN A 642 6.12 -14.77 29.57
C ASN A 642 7.36 -14.16 30.20
N GLN A 643 8.54 -14.60 29.74
CA GLN A 643 9.79 -14.08 30.28
C GLN A 643 9.82 -12.61 29.92
N ALA A 644 9.30 -12.26 28.75
CA ALA A 644 9.28 -10.87 28.32
C ALA A 644 8.43 -10.00 29.25
N LYS A 645 7.31 -10.51 29.74
CA LYS A 645 6.45 -9.69 30.59
C LYS A 645 7.11 -9.43 31.95
N ALA A 646 7.84 -10.42 32.44
CA ALA A 646 8.57 -10.29 33.69
C ALA A 646 9.76 -9.36 33.52
N GLN A 647 10.45 -9.51 32.40
CA GLN A 647 11.56 -8.63 32.08
C GLN A 647 11.07 -7.20 31.97
N PHE A 648 9.88 -7.02 31.39
CA PHE A 648 9.32 -5.68 31.29
C PHE A 648 9.04 -5.11 32.67
N GLU A 649 8.49 -5.93 33.56
CA GLU A 649 8.14 -5.46 34.90
C GLU A 649 9.38 -5.12 35.73
N LEU A 650 10.42 -5.93 35.58
CA LEU A 650 11.70 -5.70 36.21
C LEU A 650 12.29 -4.41 35.66
N LEU A 651 12.18 -4.19 34.36
CA LEU A 651 12.73 -2.98 33.77
C LEU A 651 11.93 -1.79 34.29
N LYS A 652 10.66 -2.03 34.60
CA LYS A 652 9.79 -1.01 35.19
C LYS A 652 10.32 -0.59 36.56
N GLU A 653 10.82 -1.55 37.34
CA GLU A 653 11.38 -1.26 38.65
C GLU A 653 12.68 -0.45 38.53
N LYS A 664 17.72 4.87 30.92
CA LYS A 664 18.52 4.34 29.82
C LYS A 664 17.98 2.98 29.36
N ASP A 665 18.22 2.66 28.10
CA ASP A 665 17.90 1.34 27.54
C ASP A 665 16.39 1.07 27.59
N ILE A 666 15.61 2.14 27.66
CA ILE A 666 14.15 2.06 27.55
C ILE A 666 13.77 1.72 26.11
N THR A 667 14.80 1.57 25.29
CA THR A 667 14.69 1.22 23.89
C THR A 667 14.15 -0.19 23.86
N LYS A 668 14.70 -1.04 24.74
CA LYS A 668 14.33 -2.44 24.79
C LYS A 668 12.89 -2.58 25.26
N ILE A 669 12.45 -1.67 26.12
CA ILE A 669 11.06 -1.70 26.60
C ILE A 669 10.11 -1.19 25.52
N SER A 670 10.61 -0.28 24.68
CA SER A 670 9.79 0.44 23.70
C SER A 670 9.02 -0.36 22.65
N SER A 671 9.46 -1.56 22.27
CA SER A 671 8.69 -2.33 21.29
C SER A 671 7.56 -3.12 21.95
N GLN A 672 7.42 -2.93 23.26
CA GLN A 672 6.33 -3.51 24.04
C GLN A 672 5.52 -2.35 24.61
N LEU A 673 4.99 -1.50 23.74
CA LEU A 673 4.28 -0.33 24.22
C LEU A 673 2.76 -0.39 24.10
N SER A 674 2.13 0.20 25.10
CA SER A 674 0.69 0.39 25.12
C SER A 674 0.52 1.80 24.59
N SER A 675 -0.65 2.13 24.08
CA SER A 675 -0.84 3.50 23.67
C SER A 675 -2.18 3.98 24.17
N SER A 676 -2.35 5.30 24.20
CA SER A 676 -3.60 5.87 24.63
C SER A 676 -4.70 5.84 23.59
N PHE A 677 -5.93 5.84 24.09
CA PHE A 677 -7.08 5.87 23.19
C PHE A 677 -8.23 6.57 23.90
N TYR A 678 -9.08 7.21 23.12
CA TYR A 678 -10.27 7.90 23.62
C TYR A 678 -11.45 6.95 23.77
N SER A 679 -12.32 7.18 24.76
CA SER A 679 -13.43 6.26 24.95
C SER A 679 -14.74 6.93 25.40
N PRO A 680 -15.88 6.34 24.98
CA PRO A 680 -17.21 6.82 25.34
C PRO A 680 -17.66 6.15 26.64
N PHE A 681 -16.81 5.28 27.17
CA PHE A 681 -17.06 4.71 28.48
C PHE A 681 -15.74 4.69 29.25
N PRO A 682 -15.83 4.79 30.58
CA PRO A 682 -14.66 4.86 31.47
C PRO A 682 -13.75 3.64 31.49
N LEU A 683 -12.45 3.88 31.39
CA LEU A 683 -11.49 2.81 31.56
C LEU A 683 -10.28 3.35 32.30
N PRO A 684 -9.64 2.50 33.11
CA PRO A 684 -8.50 2.98 33.89
C PRO A 684 -7.39 3.35 32.92
N HIS A 685 -6.65 4.41 33.21
CA HIS A 685 -5.42 4.65 32.48
C HIS A 685 -4.24 4.09 33.25
N LYS A 686 -3.91 2.85 32.95
CA LYS A 686 -3.01 2.04 33.78
C LYS A 686 -1.56 2.54 33.84
N MET A 687 -1.24 3.57 33.06
CA MET A 687 0.08 4.17 33.18
C MET A 687 0.03 5.15 34.34
N ILE A 688 -1.05 5.93 34.41
CA ILE A 688 -1.19 6.99 35.39
C ILE A 688 -1.62 6.40 36.73
N GLY A 689 -2.37 5.29 36.67
CA GLY A 689 -2.85 4.64 37.88
C GLY A 689 -3.79 3.48 37.67
N ASN A 690 -4.82 3.39 38.53
CA ASN A 690 -5.83 2.34 38.41
C ASN A 690 -7.23 2.93 38.35
N THR A 691 -7.34 4.16 37.88
CA THR A 691 -8.60 4.89 37.93
C THR A 691 -8.93 5.43 36.55
N ALA A 692 -10.17 5.81 36.33
CA ALA A 692 -10.57 6.41 35.06
C ALA A 692 -9.84 7.74 34.87
N TYR A 693 -9.72 8.15 33.61
CA TYR A 693 -8.98 9.36 33.30
C TYR A 693 -9.79 10.14 32.29
N LEU A 694 -10.16 11.37 32.65
CA LEU A 694 -10.95 12.24 31.79
C LEU A 694 -10.31 13.61 31.66
N THR A 695 -9.98 14.00 30.43
CA THR A 695 -9.11 15.15 30.22
C THR A 695 -9.98 16.41 30.13
N VAL A 696 -9.72 17.35 31.03
CA VAL A 696 -10.46 18.61 31.09
C VAL A 696 -9.47 19.77 31.13
N THR A 697 -8.20 19.43 31.31
CA THR A 697 -7.13 20.41 31.45
C THR A 697 -6.76 21.22 30.21
N SER A 698 -7.17 20.81 29.02
CA SER A 698 -6.78 21.59 27.83
C SER A 698 -7.93 21.89 26.86
N PRO A 699 -8.92 22.68 27.31
CA PRO A 699 -10.12 22.91 26.49
C PRO A 699 -9.90 23.77 25.22
N MET A 700 -8.78 24.50 25.14
CA MET A 700 -8.56 25.36 23.98
C MET A 700 -7.70 24.71 22.90
N ARG A 701 -7.08 23.57 23.22
CA ARG A 701 -6.19 22.92 22.28
C ARG A 701 -6.59 21.47 22.12
N ARG A 702 -7.55 21.05 22.93
CA ARG A 702 -8.13 19.72 22.84
C ARG A 702 -9.66 19.80 22.85
N GLY A 703 -10.28 19.27 21.81
CA GLY A 703 -11.73 19.18 21.67
C GLY A 703 -12.53 18.42 22.72
N PRO A 704 -12.05 17.24 23.13
CA PRO A 704 -12.70 16.46 24.20
C PRO A 704 -12.87 17.26 25.50
N ASP A 705 -11.86 18.06 25.85
CA ASP A 705 -11.93 18.87 27.06
C ASP A 705 -13.05 19.87 26.86
N LEU A 706 -13.10 20.47 25.66
CA LEU A 706 -14.06 21.51 25.33
C LEU A 706 -15.48 20.96 25.50
N ILE A 707 -15.67 19.73 25.04
CA ILE A 707 -16.95 19.04 25.16
C ILE A 707 -17.29 18.75 26.60
N ASN A 708 -16.29 18.35 27.37
CA ASN A 708 -16.44 18.15 28.79
C ASN A 708 -16.86 19.45 29.48
N HIS A 709 -16.36 20.57 28.96
CA HIS A 709 -16.71 21.86 29.51
C HIS A 709 -18.15 22.24 29.21
N LEU A 710 -18.60 21.95 28.00
CA LEU A 710 -20.02 22.16 27.69
C LEU A 710 -20.94 21.29 28.56
N GLN A 711 -20.55 20.03 28.78
CA GLN A 711 -21.33 19.17 29.65
C GLN A 711 -21.40 19.70 31.07
N LEU A 712 -20.29 20.28 31.53
CA LEU A 712 -20.29 20.82 32.87
C LEU A 712 -21.17 22.06 32.96
N HIS A 713 -21.08 22.93 31.95
CA HIS A 713 -21.91 24.13 31.91
C HIS A 713 -23.41 23.84 31.94
N ARG A 714 -23.85 22.92 31.09
CA ARG A 714 -25.27 22.58 31.05
C ARG A 714 -25.70 21.92 32.38
N PHE A 715 -24.86 21.02 32.90
CA PHE A 715 -25.20 20.23 34.09
C PHE A 715 -25.30 21.10 35.35
N LEU A 716 -24.29 21.93 35.57
CA LEU A 716 -24.18 22.78 36.76
C LEU A 716 -25.36 23.75 36.86
N LYS A 717 -25.89 24.15 35.70
CA LYS A 717 -27.05 25.04 35.67
C LYS A 717 -28.27 24.17 35.44
N LYS A 718 -28.12 22.90 35.83
CA LYS A 718 -29.19 21.92 35.91
C LYS A 718 -30.00 21.82 34.62
N LEU A 719 -29.32 21.96 33.49
CA LEU A 719 -30.00 21.86 32.23
C LEU A 719 -29.80 20.43 31.74
N PRO A 720 -30.52 20.03 30.68
CA PRO A 720 -30.25 18.74 30.04
C PRO A 720 -28.86 18.75 29.41
N LEU A 721 -28.15 17.64 29.50
CA LEU A 721 -26.80 17.55 28.96
C LEU A 721 -26.79 17.69 27.44
N CYS A 722 -25.71 18.28 26.92
CA CYS A 722 -25.54 18.60 25.51
C CYS A 722 -25.44 17.33 24.68
N PHE A 723 -24.75 16.33 25.22
CA PHE A 723 -24.55 15.07 24.51
C PHE A 723 -24.98 13.81 25.23
N LYS A 724 -25.84 13.07 24.55
CA LYS A 724 -26.27 11.74 24.97
C LYS A 724 -25.09 10.86 24.58
N GLN A 725 -25.02 9.67 25.15
CA GLN A 725 -23.87 8.78 24.96
C GLN A 725 -23.54 8.52 23.49
N GLU A 726 -24.56 8.27 22.68
CA GLU A 726 -24.32 8.00 21.25
C GLU A 726 -23.58 9.11 20.49
N TYR A 727 -23.95 10.38 20.70
CA TYR A 727 -23.16 11.36 19.99
C TYR A 727 -21.77 11.44 20.61
N LEU A 728 -21.68 11.09 21.89
CA LEU A 728 -20.39 11.18 22.52
C LEU A 728 -19.46 10.23 21.80
N ASP A 729 -20.02 9.07 21.44
CA ASP A 729 -19.23 8.05 20.77
C ASP A 729 -18.77 8.55 19.41
N GLN A 730 -19.69 9.16 18.67
CA GLN A 730 -19.33 9.62 17.33
C GLN A 730 -18.18 10.64 17.33
N TYR A 731 -18.35 11.60 18.22
CA TYR A 731 -17.42 12.70 18.39
C TYR A 731 -16.06 12.14 18.83
N VAL A 732 -16.10 11.14 19.71
CA VAL A 732 -14.91 10.49 20.23
C VAL A 732 -14.13 9.83 19.08
N TRP A 733 -14.86 9.20 18.16
CA TRP A 733 -14.22 8.54 17.04
C TRP A 733 -13.49 9.57 16.18
N SER A 734 -14.16 10.69 15.91
CA SER A 734 -13.54 11.74 15.11
C SER A 734 -12.30 12.32 15.81
N PHE A 735 -12.36 12.44 17.13
CA PHE A 735 -11.23 12.96 17.87
C PHE A 735 -10.04 12.04 17.78
N GLN A 736 -10.31 10.74 17.89
CA GLN A 736 -9.22 9.77 17.85
C GLN A 736 -8.55 9.80 16.50
N ALA A 737 -9.37 9.88 15.45
CA ALA A 737 -8.85 9.96 14.10
C ALA A 737 -7.89 11.13 13.98
N ARG A 738 -8.34 12.32 14.38
CA ARG A 738 -7.53 13.49 14.10
C ARG A 738 -6.30 13.58 15.01
N ALA A 739 -6.37 12.97 16.19
CA ALA A 739 -5.20 12.88 17.07
C ALA A 739 -4.14 11.96 16.49
N ASP A 740 -4.57 10.82 15.97
CA ASP A 740 -3.64 9.86 15.37
C ASP A 740 -2.95 10.55 14.20
N ILE A 741 -3.77 11.10 13.31
CA ILE A 741 -3.29 11.83 12.14
C ILE A 741 -2.23 12.88 12.51
N LEU A 742 -2.49 13.58 13.61
CA LEU A 742 -1.58 14.62 14.02
C LEU A 742 -0.28 13.99 14.48
N LYS A 743 -0.39 12.89 15.23
CA LYS A 743 0.79 12.19 15.73
C LYS A 743 1.71 11.77 14.58
N ILE A 744 1.08 11.23 13.52
CA ILE A 744 1.80 10.75 12.35
C ILE A 744 2.51 11.93 11.71
N PHE A 745 1.79 13.02 11.43
CA PHE A 745 2.43 14.13 10.71
C PHE A 745 3.44 14.89 11.56
N GLN A 746 3.27 14.85 12.88
CA GLN A 746 4.24 15.42 13.78
C GLN A 746 5.54 14.63 13.66
N ARG A 747 5.47 13.31 13.75
CA ARG A 747 6.68 12.49 13.69
C ARG A 747 7.32 12.57 12.29
N HIS A 748 6.47 12.75 11.28
CA HIS A 748 6.92 12.90 9.90
C HIS A 748 7.74 14.18 9.75
N SER A 749 7.18 15.28 10.26
CA SER A 749 7.83 16.58 10.20
C SER A 749 9.12 16.62 11.01
N SER A 750 9.10 16.03 12.21
CA SER A 750 10.30 16.00 13.03
C SER A 750 11.40 15.16 12.39
N THR A 751 11.03 14.03 11.81
CA THR A 751 12.00 13.20 11.09
C THR A 751 12.59 13.98 9.91
N TYR A 752 11.71 14.61 9.13
CA TYR A 752 12.12 15.42 7.99
C TYR A 752 13.13 16.50 8.38
N TRP A 753 12.85 17.23 9.45
CA TRP A 753 13.73 18.31 9.85
C TRP A 753 15.04 17.80 10.44
N THR A 754 14.96 16.80 11.31
CA THR A 754 16.16 16.17 11.87
C THR A 754 17.13 15.70 10.79
N LEU A 755 16.59 14.95 9.84
CA LEU A 755 17.39 14.40 8.75
C LEU A 755 17.91 15.54 7.88
N LYS A 756 17.10 16.59 7.72
CA LYS A 756 17.46 17.71 6.86
C LYS A 756 18.58 18.53 7.52
N HIS A 757 18.64 18.48 8.84
CA HIS A 757 19.72 19.09 9.63
C HIS A 757 20.97 18.26 9.43
N LEU A 758 20.80 16.93 9.43
CA LEU A 758 21.91 16.01 9.25
C LEU A 758 22.51 16.22 7.85
N GLU A 759 21.64 16.52 6.89
CA GLU A 759 22.03 16.82 5.52
C GLU A 759 22.73 18.17 5.44
N GLN A 760 22.19 19.16 6.14
CA GLN A 760 22.77 20.50 6.15
C GLN A 760 24.15 20.48 6.82
N SER A 761 24.32 19.63 7.81
CA SER A 761 25.56 19.58 8.59
C SER A 761 26.62 18.78 7.83
N ASN A 776 13.26 -10.08 15.37
CA ASN A 776 13.97 -8.81 15.33
C ASN A 776 14.98 -8.73 14.19
N GLY A 777 14.60 -9.29 13.03
CA GLY A 777 15.43 -9.20 11.83
C GLY A 777 15.50 -7.76 11.37
N THR A 778 14.65 -6.94 12.00
CA THR A 778 14.71 -5.50 11.90
C THR A 778 16.13 -4.96 11.88
N VAL A 779 16.35 -3.95 11.05
CA VAL A 779 17.62 -3.25 11.00
C VAL A 779 17.28 -1.82 11.39
N ASN A 780 16.57 -1.71 12.50
CA ASN A 780 16.25 -0.43 13.08
C ASN A 780 17.36 0.01 14.03
N CYS A 781 17.61 1.30 14.03
CA CYS A 781 18.64 1.91 14.86
C CYS A 781 18.13 3.25 15.33
N LEU A 782 18.82 3.87 16.27
CA LEU A 782 18.50 5.26 16.57
C LEU A 782 19.74 6.08 16.87
N PHE A 783 19.57 7.39 16.81
CA PHE A 783 20.60 8.34 17.16
C PHE A 783 20.51 8.66 18.65
N PRO A 784 21.48 9.42 19.19
CA PRO A 784 21.33 9.92 20.56
C PRO A 784 20.04 10.73 20.75
N TYR A 786 17.66 14.01 18.02
CA TYR A 786 18.18 12.75 17.50
C TYR A 786 17.34 11.56 17.96
N SER A 787 16.23 11.87 18.64
CA SER A 787 15.25 10.88 19.07
C SER A 787 14.47 10.32 17.88
N TYR A 788 14.20 11.20 16.92
CA TYR A 788 13.36 10.88 15.77
C TYR A 788 14.15 10.57 14.48
N ALA A 789 15.44 10.27 14.63
CA ALA A 789 16.22 9.76 13.50
C ALA A 789 16.36 8.24 13.55
N ARG A 790 15.32 7.54 13.08
CA ARG A 790 15.31 6.08 13.05
C ARG A 790 15.28 5.60 11.60
N GLY A 791 16.14 4.63 11.29
CA GLY A 791 16.31 4.18 9.92
C GLY A 791 16.55 2.69 9.80
N PRO A 803 21.37 -8.81 15.79
CA PRO A 803 20.98 -9.83 16.77
C PRO A 803 20.74 -9.27 18.18
N ARG A 804 21.77 -8.68 18.78
CA ARG A 804 21.62 -8.11 20.12
C ARG A 804 20.81 -6.82 20.08
N ILE A 805 19.48 -6.95 20.15
CA ILE A 805 18.58 -5.81 20.19
C ILE A 805 18.83 -4.97 21.44
N GLY A 806 18.75 -3.65 21.29
CA GLY A 806 18.91 -2.75 22.42
C GLY A 806 20.36 -2.38 22.63
N ASP A 807 21.24 -2.99 21.83
CA ASP A 807 22.67 -2.72 21.88
C ASP A 807 23.06 -1.48 21.08
N THR A 808 24.22 -0.95 21.40
CA THR A 808 24.72 0.27 20.77
C THR A 808 25.86 -0.04 19.79
N LYS A 813 27.79 7.44 8.08
CA LYS A 813 28.16 6.04 7.90
C LYS A 813 27.17 5.31 7.01
N VAL A 814 25.92 5.78 7.00
CA VAL A 814 24.88 5.21 6.14
C VAL A 814 25.15 5.59 4.69
N GLU A 815 24.35 5.02 3.79
CA GLU A 815 24.52 5.24 2.36
C GLU A 815 23.78 6.46 1.82
N SER A 816 22.51 6.57 2.18
CA SER A 816 21.67 7.67 1.67
C SER A 816 20.72 8.22 2.72
N ILE A 817 20.45 9.51 2.63
CA ILE A 817 19.43 10.13 3.48
C ILE A 817 18.58 11.10 2.68
N HIS A 818 17.30 10.73 2.60
CA HIS A 818 16.25 11.49 1.93
C HIS A 818 15.07 11.66 2.89
N PRO A 819 15.06 12.78 3.62
CA PRO A 819 14.19 13.18 4.73
C PRO A 819 12.71 13.14 4.36
N LEU A 820 12.32 13.68 3.20
CA LEU A 820 10.91 13.71 2.82
C LEU A 820 10.38 12.28 2.63
N ASP A 821 11.27 11.34 2.32
CA ASP A 821 10.86 9.96 2.06
C ASP A 821 10.87 9.18 3.38
N GLY A 822 11.68 9.67 4.31
CA GLY A 822 11.85 9.01 5.59
C GLY A 822 12.87 7.91 5.47
N ILE A 823 13.80 8.07 4.52
CA ILE A 823 14.80 7.05 4.23
C ILE A 823 16.12 7.41 4.91
N LEU A 824 16.68 6.47 5.65
CA LEU A 824 17.99 6.67 6.27
C LEU A 824 18.81 5.40 6.26
N GLU B 8 -38.38 44.49 -2.80
CA GLU B 8 -37.74 45.67 -3.35
C GLU B 8 -37.33 45.45 -4.81
N PHE B 9 -38.00 46.16 -5.72
CA PHE B 9 -37.73 46.05 -7.15
C PHE B 9 -36.26 46.32 -7.46
N LYS B 10 -35.65 47.21 -6.67
CA LYS B 10 -34.21 47.45 -6.76
C LYS B 10 -33.47 46.13 -6.68
N LYS B 11 -33.79 45.36 -5.65
CA LYS B 11 -33.20 44.03 -5.46
C LYS B 11 -33.48 43.11 -6.66
N ASN B 12 -34.66 43.24 -7.27
CA ASN B 12 -34.97 42.47 -8.47
C ASN B 12 -33.98 42.79 -9.59
N LEU B 13 -33.75 44.08 -9.82
CA LEU B 13 -32.75 44.52 -10.78
C LEU B 13 -31.36 44.00 -10.42
N GLU B 14 -31.08 43.92 -9.12
CA GLU B 14 -29.82 43.37 -8.64
C GLU B 14 -29.68 41.90 -8.99
N ASN B 15 -30.74 41.13 -8.79
CA ASN B 15 -30.76 39.72 -9.18
C ASN B 15 -30.62 39.56 -10.69
N ALA B 16 -31.17 40.54 -11.43
CA ALA B 16 -31.05 40.57 -12.88
C ALA B 16 -29.59 40.69 -13.29
N LEU B 17 -28.98 41.84 -12.97
CA LEU B 17 -27.59 42.09 -13.35
C LEU B 17 -26.65 41.03 -12.77
N ALA B 18 -26.99 40.49 -11.60
CA ALA B 18 -26.22 39.42 -10.98
C ALA B 18 -26.25 38.15 -11.83
N HIS B 19 -27.46 37.65 -12.11
CA HIS B 19 -27.64 36.47 -12.94
C HIS B 19 -26.97 36.64 -14.31
N VAL B 20 -27.10 37.84 -14.89
CA VAL B 20 -26.41 38.18 -16.15
C VAL B 20 -24.90 38.02 -16.01
N TYR B 21 -24.35 38.65 -14.97
CA TYR B 21 -22.94 38.49 -14.61
C TYR B 21 -22.55 37.00 -14.54
N SER B 22 -23.44 36.18 -13.98
CA SER B 22 -23.21 34.74 -13.91
C SER B 22 -23.18 34.11 -15.31
N THR B 23 -24.05 34.58 -16.21
CA THR B 23 -24.02 34.13 -17.61
C THR B 23 -22.66 34.41 -18.22
N GLN B 24 -22.18 35.64 -18.01
CA GLN B 24 -20.85 36.04 -18.48
C GLN B 24 -19.80 35.10 -17.88
N ILE B 25 -20.00 34.68 -16.64
CA ILE B 25 -19.14 33.69 -16.00
C ILE B 25 -19.65 32.26 -16.25
N GLU B 26 -20.38 32.07 -17.33
CA GLU B 26 -20.87 30.76 -17.77
C GLU B 26 -20.90 30.70 -19.30
N ASN B 27 -19.88 31.31 -19.90
CA ASN B 27 -19.74 31.38 -21.35
C ASN B 27 -18.25 31.22 -21.69
N SER B 28 -17.48 30.83 -20.69
CA SER B 28 -16.04 30.70 -20.82
C SER B 28 -15.64 29.52 -21.69
N ALA B 29 -15.68 28.32 -21.11
CA ALA B 29 -15.17 27.13 -21.78
C ALA B 29 -16.27 26.23 -22.33
N PRO B 30 -15.99 25.55 -23.45
CA PRO B 30 -16.88 24.55 -24.05
C PRO B 30 -16.61 23.15 -23.48
N ASP B 31 -15.46 22.98 -22.84
CA ASP B 31 -15.13 21.74 -22.16
C ASP B 31 -16.23 21.40 -21.18
N GLN B 32 -17.23 20.68 -21.67
CA GLN B 32 -18.41 20.32 -20.89
C GLN B 32 -19.09 21.55 -20.29
N VAL B 33 -19.44 22.51 -21.14
CA VAL B 33 -20.18 23.68 -20.70
C VAL B 33 -21.63 23.29 -20.39
N GLU B 34 -22.06 22.17 -20.96
CA GLU B 34 -23.41 21.66 -20.77
C GLU B 34 -23.76 21.48 -19.30
N PHE B 35 -22.79 20.99 -18.53
CA PHE B 35 -22.97 20.84 -17.08
C PHE B 35 -23.31 22.18 -16.45
N ARG B 36 -22.50 23.20 -16.75
CA ARG B 36 -22.76 24.57 -16.33
C ARG B 36 -24.16 25.06 -16.73
N LYS B 37 -24.55 24.74 -17.96
CA LYS B 37 -25.88 25.10 -18.46
C LYS B 37 -26.96 24.52 -17.55
N VAL B 38 -26.93 23.20 -17.37
CA VAL B 38 -27.91 22.51 -16.51
C VAL B 38 -27.93 23.13 -15.11
N ALA B 39 -26.74 23.43 -14.59
CA ALA B 39 -26.60 24.12 -13.30
C ALA B 39 -27.38 25.44 -13.31
N TRP B 40 -27.24 26.19 -14.40
CA TRP B 40 -27.97 27.44 -14.58
C TRP B 40 -29.48 27.24 -14.54
N LEU B 41 -29.98 26.35 -15.41
CA LEU B 41 -31.42 26.11 -15.49
C LEU B 41 -31.98 25.68 -14.14
N ARG B 42 -31.27 24.78 -13.46
CA ARG B 42 -31.67 24.36 -12.12
C ARG B 42 -31.67 25.55 -11.18
N LEU B 43 -30.70 26.44 -11.35
CA LEU B 43 -30.64 27.67 -10.56
C LEU B 43 -31.91 28.51 -10.75
N LYS B 44 -32.04 29.14 -11.90
CA LYS B 44 -33.22 29.95 -12.24
C LYS B 44 -34.53 29.27 -11.79
N ASP B 45 -34.72 28.02 -12.20
CA ASP B 45 -35.89 27.23 -11.83
C ASP B 45 -36.08 27.22 -10.31
N MET B 46 -34.98 27.06 -9.58
CA MET B 46 -35.03 27.03 -8.13
C MET B 46 -35.45 28.38 -7.56
N LEU B 47 -35.03 29.47 -8.21
CA LEU B 47 -35.43 30.82 -7.79
C LEU B 47 -36.93 31.08 -7.99
N TYR B 48 -37.39 30.89 -9.23
CA TYR B 48 -38.80 31.02 -9.55
C TYR B 48 -39.64 30.18 -8.61
N ASN B 49 -39.30 28.89 -8.51
CA ASN B 49 -39.96 27.98 -7.57
C ASN B 49 -39.94 28.51 -6.13
N GLN B 50 -38.83 29.12 -5.73
CA GLN B 50 -38.70 29.67 -4.39
C GLN B 50 -39.74 30.73 -4.13
N LEU B 51 -39.75 31.79 -4.95
CA LEU B 51 -40.69 32.89 -4.75
C LEU B 51 -42.15 32.47 -4.95
N LEU B 52 -42.39 31.65 -5.97
CA LEU B 52 -43.75 31.22 -6.31
C LEU B 52 -44.35 30.34 -5.20
N ASP B 53 -43.58 29.36 -4.74
CA ASP B 53 -44.03 28.51 -3.64
C ASP B 53 -44.10 29.31 -2.34
N LYS B 54 -43.30 30.38 -2.27
CA LYS B 54 -43.25 31.23 -1.07
C LYS B 54 -44.60 31.88 -0.75
N ASN B 55 -45.56 31.74 -1.66
CA ASN B 55 -46.92 32.27 -1.48
C ASN B 55 -47.48 32.03 -0.08
N LEU B 56 -47.16 30.87 0.50
CA LEU B 56 -47.53 30.57 1.88
C LEU B 56 -46.38 30.84 2.87
N PRO B 57 -45.13 30.47 2.51
CA PRO B 57 -44.07 30.86 3.46
C PRO B 57 -43.21 32.06 3.07
N ALA B 58 -43.82 33.15 2.61
CA ALA B 58 -43.07 34.36 2.23
C ALA B 58 -42.29 34.95 3.41
N LYS B 59 -43.00 35.25 4.50
CA LYS B 59 -42.39 35.86 5.67
C LYS B 59 -41.56 34.83 6.45
N ILE B 60 -42.13 33.65 6.64
CA ILE B 60 -41.44 32.52 7.28
C ILE B 60 -40.08 32.29 6.63
N ASN B 61 -40.01 32.51 5.31
CA ASN B 61 -38.73 32.69 4.65
C ASN B 61 -38.03 33.94 5.17
N GLY B 62 -38.59 35.11 4.86
CA GLY B 62 -37.96 36.38 5.20
C GLY B 62 -37.73 36.69 6.67
N TYR B 63 -37.57 35.66 7.50
CA TYR B 63 -37.33 35.87 8.92
C TYR B 63 -35.90 35.53 9.38
N ASP B 64 -35.17 34.74 8.59
CA ASP B 64 -33.94 34.12 9.09
C ASP B 64 -32.64 34.59 8.41
N PRO B 65 -31.66 35.02 9.22
CA PRO B 65 -30.37 35.56 8.80
C PRO B 65 -29.31 34.47 8.60
N GLY B 66 -28.11 34.87 8.15
CA GLY B 66 -27.03 33.93 7.91
C GLY B 66 -25.75 34.26 8.65
N LEU B 67 -24.72 33.46 8.45
CA LEU B 67 -23.44 33.67 9.13
C LEU B 67 -22.24 33.22 8.30
N MET B 68 -21.78 31.98 8.52
CA MET B 68 -20.63 31.47 7.79
C MET B 68 -21.05 30.97 6.41
N GLU B 69 -22.28 30.50 6.28
CA GLU B 69 -22.77 30.01 5.00
C GLU B 69 -22.66 31.08 3.90
N THR B 70 -22.55 32.35 4.31
CA THR B 70 -22.39 33.46 3.38
C THR B 70 -21.06 33.44 2.65
N ILE B 71 -20.01 32.92 3.31
CA ILE B 71 -18.72 32.75 2.63
C ILE B 71 -18.68 31.39 1.95
N SER B 72 -19.31 30.39 2.58
CA SER B 72 -19.41 29.07 1.97
C SER B 72 -20.87 28.66 1.83
N PRO B 73 -21.48 28.97 0.68
CA PRO B 73 -22.89 28.65 0.37
C PRO B 73 -23.17 27.17 0.59
N THR B 74 -23.50 26.82 1.84
CA THR B 74 -23.74 25.43 2.21
C THR B 74 -24.94 24.86 1.47
N GLN B 75 -26.14 25.13 2.00
CA GLN B 75 -27.37 24.59 1.43
C GLN B 75 -28.10 25.63 0.57
N PRO B 76 -28.06 25.44 -0.76
CA PRO B 76 -28.81 26.29 -1.69
C PRO B 76 -30.27 25.90 -1.84
N GLN B 77 -30.83 25.17 -0.87
CA GLN B 77 -32.24 24.77 -0.92
C GLN B 77 -33.14 26.00 -0.82
N HIS B 78 -32.52 27.14 -0.54
CA HIS B 78 -33.22 28.41 -0.41
C HIS B 78 -32.22 29.56 -0.42
N ILE B 79 -32.11 30.26 -1.56
CA ILE B 79 -31.12 31.32 -1.70
C ILE B 79 -31.68 32.67 -1.32
N ILE B 80 -32.80 33.01 -1.96
CA ILE B 80 -33.44 34.33 -1.84
C ILE B 80 -33.50 34.91 -0.41
N PRO B 81 -34.12 34.20 0.57
CA PRO B 81 -34.36 34.85 1.87
C PRO B 81 -33.13 35.51 2.55
N HIS B 82 -32.01 34.90 2.25
CA HIS B 82 -30.69 35.17 2.78
C HIS B 82 -30.16 36.43 2.08
N LEU B 83 -30.25 36.42 0.77
CA LEU B 83 -30.00 37.60 -0.04
C LEU B 83 -30.82 38.82 0.40
N VAL B 84 -32.07 38.59 0.78
CA VAL B 84 -32.89 39.65 1.37
C VAL B 84 -32.29 40.11 2.70
N LYS B 85 -32.30 39.22 3.70
CA LYS B 85 -31.94 39.57 5.08
C LYS B 85 -30.43 39.78 5.31
N MET B 86 -29.69 40.09 4.25
CA MET B 86 -28.24 40.24 4.34
C MET B 86 -27.82 41.55 5.02
N ASN B 87 -26.93 41.44 6.00
CA ASN B 87 -26.46 42.59 6.78
C ASN B 87 -25.09 42.33 7.44
N LYS B 88 -24.04 42.84 6.82
CA LYS B 88 -22.67 42.48 7.20
C LYS B 88 -21.85 43.63 7.81
N ILE B 89 -21.50 44.61 6.98
CA ILE B 89 -20.57 45.68 7.35
C ILE B 89 -19.22 45.10 7.79
N LYS B 106 -21.22 46.77 -2.56
CA LYS B 106 -22.59 46.75 -2.06
C LYS B 106 -23.43 45.77 -2.86
N TYR B 107 -23.69 46.10 -4.12
CA TYR B 107 -24.22 45.15 -5.09
C TYR B 107 -23.24 43.99 -5.22
N GLU B 108 -21.96 44.33 -5.04
CA GLU B 108 -20.86 43.36 -5.09
C GLU B 108 -21.15 42.17 -4.18
N GLN B 109 -21.72 42.44 -3.02
CA GLN B 109 -22.15 41.38 -2.10
C GLN B 109 -23.11 40.43 -2.80
N PHE B 110 -24.09 41.02 -3.48
CA PHE B 110 -25.10 40.27 -4.23
C PHE B 110 -24.45 39.37 -5.28
N GLN B 111 -23.82 40.00 -6.28
CA GLN B 111 -23.16 39.29 -7.38
C GLN B 111 -22.21 38.20 -6.90
N TYR B 112 -21.39 38.52 -5.90
CA TYR B 112 -20.44 37.55 -5.35
C TYR B 112 -21.17 36.37 -4.74
N LEU B 113 -22.11 36.65 -3.82
CA LEU B 113 -22.81 35.61 -3.09
C LEU B 113 -23.50 34.65 -4.05
N LEU B 114 -24.23 35.21 -5.01
CA LEU B 114 -24.90 34.37 -5.99
C LEU B 114 -23.93 33.59 -6.88
N SER B 115 -22.80 34.21 -7.24
CA SER B 115 -21.77 33.51 -8.00
C SER B 115 -21.30 32.26 -7.24
N SER B 116 -20.98 32.44 -5.96
CA SER B 116 -20.62 31.35 -5.06
C SER B 116 -21.70 30.26 -5.04
N TYR B 117 -22.94 30.70 -4.89
CA TYR B 117 -24.08 29.79 -4.91
C TYR B 117 -24.13 28.93 -6.16
N TYR B 118 -23.96 29.57 -7.30
CA TYR B 118 -23.85 28.88 -8.57
C TYR B 118 -22.74 27.83 -8.50
N ASP B 119 -21.56 28.24 -8.02
CA ASP B 119 -20.44 27.30 -7.89
C ASP B 119 -20.83 26.05 -7.11
N CYS B 120 -21.54 26.24 -5.99
CA CYS B 120 -22.03 25.11 -5.19
C CYS B 120 -23.03 24.24 -5.98
N ILE B 121 -23.90 24.90 -6.74
CA ILE B 121 -24.84 24.20 -7.62
C ILE B 121 -24.07 23.35 -8.63
N LEU B 122 -22.87 23.83 -9.02
CA LEU B 122 -22.02 23.08 -9.94
C LEU B 122 -21.35 21.91 -9.22
N ASN B 123 -21.02 22.08 -7.94
CA ASN B 123 -20.55 20.97 -7.11
C ASN B 123 -21.59 19.85 -7.07
N GLN B 124 -22.86 20.22 -6.91
CA GLN B 124 -23.92 19.22 -6.82
C GLN B 124 -24.37 18.65 -8.17
N GLU B 125 -24.29 19.44 -9.24
CA GLU B 125 -24.84 19.05 -10.54
C GLU B 125 -23.80 18.47 -11.50
N ILE B 126 -22.53 18.85 -11.33
CA ILE B 126 -21.43 18.20 -12.05
C ILE B 126 -20.95 17.01 -11.23
N ILE B 127 -21.86 16.07 -11.00
CA ILE B 127 -21.61 14.94 -10.10
C ILE B 127 -22.62 13.79 -10.30
N PRO B 128 -23.91 14.10 -10.56
CA PRO B 128 -24.76 12.92 -10.74
C PRO B 128 -24.82 12.43 -12.18
N SER B 129 -24.77 11.11 -12.35
CA SER B 129 -25.06 10.43 -13.62
C SER B 129 -24.29 10.97 -14.82
N MET B 130 -23.26 11.77 -14.58
CA MET B 130 -22.51 12.42 -15.65
C MET B 130 -21.27 11.62 -15.99
N LEU B 131 -21.45 10.59 -16.82
CA LEU B 131 -20.34 9.78 -17.31
C LEU B 131 -20.76 8.95 -18.53
N PHE B 144 -3.15 -0.91 -19.67
CA PHE B 144 -2.93 -2.35 -19.83
C PHE B 144 -2.21 -2.66 -21.14
N SER B 145 -1.52 -1.66 -21.67
CA SER B 145 -0.58 -1.88 -22.78
C SER B 145 0.78 -1.29 -22.42
N ASN B 146 0.97 -1.05 -21.13
CA ASN B 146 2.19 -0.45 -20.60
C ASN B 146 2.79 -1.31 -19.49
N PRO B 147 3.11 -2.58 -19.78
CA PRO B 147 3.50 -3.52 -18.72
C PRO B 147 4.70 -3.06 -17.90
N ALA B 148 5.48 -2.11 -18.42
CA ALA B 148 6.63 -1.59 -17.68
C ALA B 148 6.10 -0.84 -16.45
N GLU B 149 4.85 -0.38 -16.56
CA GLU B 149 4.14 0.33 -15.50
C GLU B 149 3.77 -0.63 -14.36
N TRP B 150 3.77 -1.93 -14.63
CA TRP B 150 3.37 -2.89 -13.60
C TRP B 150 4.41 -3.03 -12.50
N PHE B 151 5.62 -2.54 -12.76
CA PHE B 151 6.68 -2.58 -11.76
C PHE B 151 7.16 -1.18 -11.39
N PRO B 152 6.33 -0.41 -10.69
CA PRO B 152 6.67 1.00 -10.42
C PRO B 152 7.92 1.14 -9.58
N GLU B 153 8.12 0.22 -8.65
CA GLU B 153 9.31 0.23 -7.80
C GLU B 153 10.59 0.06 -8.62
N ALA B 154 10.57 -0.82 -9.62
CA ALA B 154 11.66 -0.97 -10.58
C ALA B 154 11.82 0.20 -11.56
N ARG B 155 10.71 0.84 -11.92
CA ARG B 155 10.70 2.01 -12.79
C ARG B 155 11.15 3.26 -12.05
N LYS B 156 11.18 3.16 -10.72
CA LYS B 156 11.50 4.26 -9.81
C LYS B 156 12.98 4.33 -9.45
N ILE B 157 13.78 3.46 -10.06
CA ILE B 157 15.21 3.47 -9.79
C ILE B 157 15.98 3.35 -11.10
N ARG B 158 17.25 3.77 -11.06
CA ARG B 158 18.12 3.51 -12.19
C ARG B 158 18.34 2.01 -12.18
N ARG B 159 18.09 1.43 -13.33
CA ARG B 159 18.38 0.05 -13.61
C ARG B 159 19.29 0.06 -14.83
N HIS B 160 20.35 -0.74 -14.77
CA HIS B 160 21.26 -1.00 -15.88
C HIS B 160 21.22 -2.36 -16.54
N ILE B 161 21.14 -2.36 -17.86
CA ILE B 161 21.06 -3.60 -18.61
C ILE B 161 22.42 -3.95 -19.19
N ILE B 162 22.91 -5.17 -18.95
CA ILE B 162 24.19 -5.51 -19.56
C ILE B 162 23.81 -6.67 -20.46
N MET B 163 23.95 -6.51 -21.77
CA MET B 163 23.58 -7.61 -22.64
C MET B 163 24.76 -8.41 -23.16
N HIS B 164 24.91 -9.64 -22.67
CA HIS B 164 25.92 -10.53 -23.19
C HIS B 164 25.32 -11.32 -24.34
N VAL B 165 25.69 -10.94 -25.55
CA VAL B 165 25.03 -11.43 -26.73
C VAL B 165 26.00 -12.28 -27.53
N GLY B 166 25.53 -13.43 -27.98
CA GLY B 166 26.33 -14.27 -28.85
C GLY B 166 25.78 -15.66 -29.01
N PRO B 167 26.42 -16.46 -29.86
CA PRO B 167 26.26 -17.92 -29.97
C PRO B 167 26.38 -18.61 -28.62
N THR B 168 25.97 -19.88 -28.63
CA THR B 168 26.39 -20.85 -27.65
C THR B 168 27.89 -21.09 -27.72
N ASN B 169 28.49 -21.47 -26.58
CA ASN B 169 29.94 -21.68 -26.47
C ASN B 169 30.73 -20.39 -26.66
N SER B 170 30.25 -19.29 -26.08
CA SER B 170 30.97 -18.03 -26.24
C SER B 170 31.62 -17.37 -25.01
N GLY B 171 31.48 -17.94 -23.82
CA GLY B 171 32.08 -17.29 -22.65
C GLY B 171 31.27 -16.14 -22.09
N LYS B 172 30.15 -15.88 -22.74
CA LYS B 172 29.22 -14.82 -22.37
C LYS B 172 28.69 -14.90 -20.92
N THR B 173 28.34 -16.09 -20.48
CA THR B 173 27.90 -16.35 -19.10
C THR B 173 28.91 -16.14 -17.96
N PHE B 174 30.18 -16.50 -18.16
CA PHE B 174 31.20 -16.37 -17.11
C PHE B 174 31.55 -14.97 -16.56
N ARG B 175 31.67 -13.95 -17.40
CA ARG B 175 31.92 -12.59 -16.91
C ARG B 175 30.79 -12.14 -15.97
N SER B 176 29.55 -12.39 -16.40
CA SER B 176 28.37 -12.06 -15.62
C SER B 176 28.27 -12.85 -14.32
N LEU B 177 28.54 -14.15 -14.37
CA LEU B 177 28.53 -14.98 -13.17
C LEU B 177 29.59 -14.54 -12.16
N GLN B 178 30.79 -14.19 -12.64
CA GLN B 178 31.83 -13.66 -11.76
C GLN B 178 31.47 -12.30 -11.16
N LYS B 179 30.81 -11.45 -11.95
CA LYS B 179 30.26 -10.20 -11.43
C LYS B 179 29.20 -10.42 -10.35
N LEU B 180 28.33 -11.41 -10.59
CA LEU B 180 27.30 -11.87 -9.66
C LEU B 180 27.79 -12.44 -8.32
N LYS B 181 28.87 -13.22 -8.33
CA LYS B 181 29.46 -13.68 -7.07
C LYS B 181 29.96 -12.56 -6.15
N ALA B 182 30.83 -11.69 -6.65
CA ALA B 182 31.44 -10.64 -5.82
C ALA B 182 30.40 -9.69 -5.19
N ALA B 183 29.19 -9.69 -5.73
CA ALA B 183 28.07 -8.93 -5.17
C ALA B 183 27.69 -9.39 -3.76
N ASP B 184 26.64 -8.79 -3.22
CA ASP B 184 26.08 -9.18 -1.93
C ASP B 184 24.56 -9.10 -1.95
N TYR B 187 21.03 -12.74 -7.40
CA TYR B 187 20.18 -13.83 -7.88
C TYR B 187 20.53 -14.27 -9.31
N TYR B 188 20.49 -15.58 -9.54
CA TYR B 188 20.56 -16.16 -10.87
C TYR B 188 19.22 -16.75 -11.34
N ALA B 189 18.77 -16.35 -12.52
CA ALA B 189 17.56 -16.95 -13.07
C ALA B 189 17.88 -17.83 -14.29
N GLY B 190 17.62 -19.13 -14.17
CA GLY B 190 17.88 -20.05 -15.27
C GLY B 190 16.62 -20.64 -15.82
N PRO B 191 16.68 -21.16 -17.05
CA PRO B 191 15.53 -21.80 -17.70
C PRO B 191 15.23 -23.19 -17.20
N LEU B 192 16.23 -23.82 -16.60
CA LEU B 192 16.15 -25.25 -16.32
C LEU B 192 16.62 -25.56 -14.91
N ARG B 193 16.01 -26.58 -14.30
CA ARG B 193 16.45 -27.04 -13.00
C ARG B 193 17.90 -27.51 -13.07
N LEU B 194 18.27 -28.13 -14.19
CA LEU B 194 19.65 -28.54 -14.44
C LEU B 194 20.69 -27.41 -14.42
N LEU B 195 20.41 -26.30 -15.08
CA LEU B 195 21.32 -25.14 -15.07
C LEU B 195 21.49 -24.48 -13.69
N ALA B 196 20.36 -24.37 -12.98
CA ALA B 196 20.33 -23.92 -11.58
C ALA B 196 21.14 -24.82 -10.67
N ARG B 197 21.03 -26.13 -10.89
CA ARG B 197 21.87 -27.11 -10.25
C ARG B 197 23.33 -26.88 -10.60
N GLU B 198 23.66 -26.67 -11.88
CA GLU B 198 25.04 -26.48 -12.32
C GLU B 198 25.70 -25.27 -11.65
N VAL B 199 24.99 -24.14 -11.59
CA VAL B 199 25.49 -22.95 -10.90
C VAL B 199 25.60 -23.15 -9.39
N TYR B 200 24.62 -23.85 -8.81
CA TYR B 200 24.65 -24.23 -7.39
C TYR B 200 25.89 -25.05 -7.04
N GLU B 201 26.14 -26.07 -7.84
CA GLU B 201 27.27 -26.97 -7.71
C GLU B 201 28.61 -26.24 -7.83
N LYS B 202 28.73 -25.39 -8.86
CA LYS B 202 29.95 -24.61 -9.03
C LYS B 202 30.19 -23.65 -7.85
N PHE B 203 29.14 -22.97 -7.41
CA PHE B 203 29.22 -22.03 -6.29
C PHE B 203 29.59 -22.72 -4.97
N LYS B 204 28.97 -23.88 -4.71
CA LYS B 204 29.29 -24.71 -3.56
C LYS B 204 30.77 -25.14 -3.61
N HIS B 205 31.25 -25.48 -4.79
CA HIS B 205 32.65 -25.86 -4.92
C HIS B 205 33.58 -24.67 -4.72
N GLU B 206 33.07 -23.44 -4.87
CA GLU B 206 33.91 -22.28 -4.62
C GLU B 206 33.87 -21.78 -3.16
N ASN B 207 33.28 -22.58 -2.28
CA ASN B 207 33.18 -22.31 -0.83
C ASN B 207 32.05 -21.35 -0.44
N VAL B 208 31.11 -21.11 -1.34
CA VAL B 208 30.15 -20.02 -1.15
C VAL B 208 28.71 -20.50 -1.05
N ARG B 209 28.12 -20.32 0.12
CA ARG B 209 26.75 -20.76 0.39
C ARG B 209 25.78 -19.99 -0.50
N CYS B 210 25.32 -20.69 -1.54
CA CYS B 210 24.25 -20.23 -2.41
C CYS B 210 23.06 -21.16 -2.29
N ASN B 211 21.93 -20.66 -1.81
CA ASN B 211 20.77 -21.53 -1.75
C ASN B 211 20.30 -21.87 -3.16
N LEU B 212 19.52 -22.94 -3.26
CA LEU B 212 18.87 -23.35 -4.48
C LEU B 212 17.37 -23.19 -4.35
N LEU B 213 16.73 -22.54 -5.32
CA LEU B 213 15.27 -22.52 -5.31
C LEU B 213 14.79 -22.85 -6.72
N THR B 214 14.18 -24.02 -6.85
CA THR B 214 13.58 -24.45 -8.10
C THR B 214 12.10 -24.69 -7.86
N GLY B 215 11.39 -25.18 -8.88
CA GLY B 215 9.98 -25.49 -8.65
C GLY B 215 9.89 -26.64 -7.67
N GLU B 216 10.87 -27.53 -7.73
CA GLU B 216 10.89 -28.79 -6.99
C GLU B 216 11.96 -28.90 -5.91
N GLU B 217 12.85 -27.92 -5.81
CA GLU B 217 14.00 -28.10 -4.93
C GLU B 217 14.24 -26.76 -4.25
N VAL B 218 14.41 -26.81 -2.93
CA VAL B 218 14.82 -25.67 -2.13
C VAL B 218 16.00 -25.96 -1.21
N ILE B 219 17.09 -25.23 -1.38
CA ILE B 219 18.26 -25.40 -0.53
C ILE B 219 18.59 -24.07 0.16
N LEU B 231 22.95 -14.32 -1.54
CA LEU B 231 22.74 -14.72 -2.93
C LEU B 231 21.70 -15.82 -3.03
N THR B 232 21.10 -15.96 -4.22
CA THR B 232 20.14 -17.04 -4.47
C THR B 232 20.18 -17.50 -5.93
N SER B 233 20.02 -18.81 -6.15
CA SER B 233 19.98 -19.35 -7.50
C SER B 233 18.63 -20.03 -7.75
N GLY B 234 17.95 -19.65 -8.82
CA GLY B 234 16.68 -20.24 -9.13
C GLY B 234 16.30 -20.31 -10.59
N THR B 235 15.19 -20.97 -10.89
CA THR B 235 14.49 -20.86 -12.16
C THR B 235 13.81 -19.50 -12.33
N ILE B 236 13.74 -19.01 -13.56
CA ILE B 236 13.29 -17.65 -13.82
C ILE B 236 11.85 -17.50 -13.32
N GLU B 237 11.08 -18.58 -13.40
CA GLU B 237 9.70 -18.58 -12.91
C GLU B 237 9.60 -18.42 -11.39
N MET B 238 10.68 -18.67 -10.67
CA MET B 238 10.64 -18.65 -9.20
C MET B 238 11.29 -17.38 -8.67
N ILE B 239 11.73 -16.50 -9.56
CA ILE B 239 12.34 -15.25 -9.15
C ILE B 239 11.36 -14.38 -8.35
N PRO B 240 11.84 -13.80 -7.24
CA PRO B 240 11.07 -12.81 -6.48
C PRO B 240 11.19 -11.45 -7.15
N LEU B 241 10.09 -10.73 -7.28
CA LEU B 241 10.14 -9.44 -7.93
C LEU B 241 10.01 -8.33 -6.89
N ASN B 242 10.12 -8.70 -5.61
CA ASN B 242 10.06 -7.72 -4.53
C ASN B 242 11.31 -7.62 -3.65
N GLN B 243 12.36 -8.35 -4.00
CA GLN B 243 13.56 -8.33 -3.17
C GLN B 243 14.66 -7.51 -3.84
N ASN B 244 14.82 -6.27 -3.39
CA ASN B 244 15.81 -5.36 -3.95
C ASN B 244 17.22 -5.90 -3.74
N PHE B 245 17.78 -6.52 -4.79
CA PHE B 245 19.14 -7.06 -4.71
C PHE B 245 20.17 -6.02 -5.09
N ASP B 246 21.20 -6.48 -5.77
CA ASP B 246 22.25 -5.64 -6.33
C ASP B 246 22.55 -6.11 -7.74
N VAL B 247 22.47 -7.42 -7.97
CA VAL B 247 22.70 -7.98 -9.31
C VAL B 247 21.75 -9.16 -9.58
N VAL B 248 21.09 -9.13 -10.73
CA VAL B 248 20.33 -10.28 -11.22
C VAL B 248 20.93 -10.75 -12.54
N VAL B 249 20.99 -12.06 -12.75
CA VAL B 249 21.38 -12.64 -14.04
C VAL B 249 20.23 -13.39 -14.68
N LEU B 250 19.86 -12.99 -15.89
CA LEU B 250 18.91 -13.73 -16.68
C LEU B 250 19.53 -14.49 -17.85
N ASP B 251 19.60 -15.81 -17.75
CA ASP B 251 20.15 -16.62 -18.83
C ASP B 251 19.14 -16.99 -19.92
N GLU B 252 19.65 -17.27 -21.11
CA GLU B 252 18.87 -17.64 -22.29
C GLU B 252 17.70 -16.68 -22.55
N ILE B 253 17.98 -15.38 -22.58
CA ILE B 253 16.97 -14.34 -22.60
C ILE B 253 15.97 -14.40 -23.77
N GLN B 254 16.38 -15.00 -24.89
CA GLN B 254 15.52 -15.28 -26.04
C GLN B 254 14.28 -16.15 -25.84
N MET B 255 14.27 -16.98 -24.80
CA MET B 255 13.06 -17.69 -24.39
C MET B 255 11.95 -16.76 -23.91
N MET B 256 12.24 -15.47 -23.80
CA MET B 256 11.21 -14.44 -23.75
C MET B 256 10.26 -14.40 -24.95
N ALA B 257 10.69 -14.93 -26.09
CA ALA B 257 9.78 -15.05 -27.23
C ALA B 257 9.13 -16.41 -27.37
N ASP B 258 9.24 -17.28 -26.36
CA ASP B 258 8.40 -18.47 -26.36
C ASP B 258 6.92 -18.11 -26.21
N LEU B 259 6.11 -18.70 -27.09
CA LEU B 259 4.68 -18.50 -27.11
C LEU B 259 4.04 -19.03 -25.83
N ASP B 260 4.61 -20.11 -25.29
CA ASP B 260 4.05 -20.71 -24.08
C ASP B 260 4.78 -20.35 -22.78
N ARG B 261 6.08 -20.06 -22.82
CA ARG B 261 6.83 -19.90 -21.57
C ARG B 261 7.39 -18.47 -21.35
N GLY B 262 7.31 -17.64 -22.38
CA GLY B 262 8.06 -16.40 -22.45
C GLY B 262 7.80 -15.24 -21.50
N TRP B 263 6.66 -15.25 -20.82
CA TRP B 263 6.32 -14.18 -19.85
C TRP B 263 7.24 -13.94 -18.68
N ALA B 264 7.81 -15.02 -18.15
CA ALA B 264 8.72 -14.90 -17.03
C ALA B 264 9.98 -14.11 -17.30
N TRP B 265 10.59 -14.32 -18.47
CA TRP B 265 11.71 -13.49 -18.89
C TRP B 265 11.40 -12.02 -19.12
N THR B 266 10.28 -11.74 -19.78
CA THR B 266 9.82 -10.36 -19.93
C THR B 266 9.52 -9.66 -18.62
N ASN B 267 8.81 -10.36 -17.76
CA ASN B 267 8.45 -9.90 -16.44
C ASN B 267 9.67 -9.62 -15.56
N ALA B 268 10.62 -10.56 -15.55
CA ALA B 268 11.86 -10.40 -14.82
C ALA B 268 12.69 -9.23 -15.34
N LEU B 269 12.79 -9.12 -16.66
CA LEU B 269 13.52 -8.03 -17.31
C LEU B 269 12.92 -6.67 -16.94
N LEU B 270 11.60 -6.58 -17.01
CA LEU B 270 10.92 -5.32 -16.72
C LEU B 270 10.84 -4.99 -15.23
N GLY B 271 10.80 -6.01 -14.39
CA GLY B 271 10.41 -5.85 -13.00
C GLY B 271 11.43 -6.06 -11.90
N ALA B 272 12.56 -6.69 -12.22
CA ALA B 272 13.59 -6.96 -11.21
C ALA B 272 14.24 -5.70 -10.63
N LYS B 273 14.11 -5.57 -9.32
CA LYS B 273 14.60 -4.41 -8.58
C LYS B 273 16.09 -4.58 -8.32
N ALA B 274 16.89 -4.60 -9.39
CA ALA B 274 18.32 -4.87 -9.26
C ALA B 274 19.14 -3.72 -9.85
N LYS B 275 20.23 -3.36 -9.16
CA LYS B 275 21.14 -2.35 -9.68
C LYS B 275 21.79 -2.75 -11.01
N GLU B 276 22.22 -3.99 -11.14
CA GLU B 276 22.62 -4.47 -12.47
C GLU B 276 21.81 -5.69 -12.90
N VAL B 277 21.19 -5.60 -14.08
CA VAL B 277 20.51 -6.73 -14.68
C VAL B 277 21.32 -7.25 -15.88
N HIS B 278 21.99 -8.38 -15.71
CA HIS B 278 22.78 -8.97 -16.78
C HIS B 278 21.96 -9.97 -17.56
N CYS B 279 21.83 -9.82 -18.86
CA CYS B 279 21.01 -10.75 -19.61
C CYS B 279 21.99 -11.44 -20.53
N CYS B 280 21.90 -12.77 -20.62
CA CYS B 280 22.76 -13.52 -21.52
C CYS B 280 21.91 -14.26 -22.54
N GLY B 281 22.29 -14.14 -23.81
CA GLY B 281 21.60 -14.86 -24.85
C GLY B 281 22.09 -14.51 -26.22
N GLU B 282 21.32 -14.88 -27.23
CA GLU B 282 21.68 -14.56 -28.60
C GLU B 282 21.25 -13.14 -28.98
N ALA B 283 21.85 -12.67 -30.06
CA ALA B 283 21.74 -11.30 -30.58
C ALA B 283 20.34 -10.99 -31.15
N SER B 284 19.53 -12.03 -31.32
CA SER B 284 18.19 -11.88 -31.88
C SER B 284 17.31 -11.15 -30.88
N THR B 285 17.79 -11.05 -29.66
CA THR B 285 17.09 -10.33 -28.60
C THR B 285 17.40 -8.82 -28.56
N ILE B 286 18.50 -8.37 -29.17
CA ILE B 286 18.94 -6.96 -29.03
C ILE B 286 18.00 -5.78 -29.37
N PRO B 287 17.30 -5.79 -30.54
CA PRO B 287 16.48 -4.61 -30.83
C PRO B 287 15.29 -4.35 -29.91
N LEU B 288 14.62 -5.44 -29.50
CA LEU B 288 13.47 -5.37 -28.60
C LEU B 288 13.90 -4.88 -27.25
N ILE B 289 15.01 -5.41 -26.75
CA ILE B 289 15.54 -4.95 -25.49
C ILE B 289 15.83 -3.45 -25.57
N LYS B 290 16.38 -2.96 -26.68
CA LYS B 290 16.54 -1.51 -26.81
C LYS B 290 15.18 -0.80 -26.74
N LYS B 291 14.20 -1.31 -27.48
CA LYS B 291 12.85 -0.78 -27.42
C LYS B 291 12.27 -0.94 -26.00
N ILE B 292 12.59 -2.07 -25.36
CA ILE B 292 12.20 -2.27 -23.97
C ILE B 292 12.93 -1.28 -23.10
N VAL B 293 14.23 -1.10 -23.32
CA VAL B 293 14.94 -0.19 -22.44
C VAL B 293 14.52 1.24 -22.77
N GLU B 294 14.01 1.47 -23.99
CA GLU B 294 13.37 2.75 -24.29
C GLU B 294 12.19 3.03 -23.38
N MET B 295 11.38 2.03 -23.09
CA MET B 295 10.29 2.25 -22.16
C MET B 295 10.71 2.33 -20.69
N THR B 296 11.89 1.82 -20.31
CA THR B 296 12.26 2.06 -18.92
C THR B 296 13.19 3.25 -18.69
N GLY B 297 13.79 3.78 -19.74
CA GLY B 297 14.75 4.86 -19.52
C GLY B 297 16.05 4.29 -18.97
N ASP B 298 16.18 2.97 -19.02
CA ASP B 298 17.31 2.29 -18.40
C ASP B 298 18.46 2.27 -19.39
N LYS B 299 19.67 2.53 -18.91
CA LYS B 299 20.81 2.46 -19.80
C LYS B 299 21.02 1.01 -20.24
N LEU B 300 21.38 0.87 -21.51
CA LEU B 300 21.75 -0.41 -22.08
C LEU B 300 23.19 -0.47 -22.57
N THR B 301 23.99 -1.33 -21.96
CA THR B 301 25.34 -1.55 -22.46
C THR B 301 25.33 -2.91 -23.12
N ILE B 302 25.62 -2.96 -24.42
CA ILE B 302 25.71 -4.22 -25.15
C ILE B 302 27.11 -4.83 -25.24
N ASN B 303 27.22 -6.13 -24.96
CA ASN B 303 28.50 -6.82 -25.15
C ASN B 303 28.34 -8.02 -26.09
N GLU B 304 29.07 -7.98 -27.20
CA GLU B 304 28.98 -8.99 -28.24
C GLU B 304 30.06 -10.07 -28.17
N TYR B 305 29.65 -11.32 -28.36
CA TYR B 305 30.54 -12.48 -28.30
C TYR B 305 30.43 -13.35 -29.54
N GLU B 306 31.58 -13.75 -30.10
CA GLU B 306 31.57 -14.70 -31.19
C GLU B 306 31.82 -16.12 -30.68
N ARG B 307 31.47 -17.10 -31.50
CA ARG B 307 31.81 -18.50 -31.26
C ARG B 307 33.29 -18.65 -30.91
N MET B 308 33.59 -19.38 -29.84
CA MET B 308 34.98 -19.58 -29.46
C MET B 308 35.65 -20.50 -30.47
N GLY B 309 34.86 -21.39 -31.09
CA GLY B 309 35.42 -22.29 -32.09
C GLY B 309 34.60 -22.49 -33.36
N LYS B 310 35.33 -22.75 -34.44
CA LYS B 310 34.79 -22.98 -35.78
C LYS B 310 33.76 -24.11 -35.87
N LEU B 311 32.92 -24.06 -36.90
CA LEU B 311 31.90 -25.09 -37.13
C LEU B 311 31.67 -25.12 -38.63
N VAL B 312 31.40 -26.31 -39.16
CA VAL B 312 31.15 -26.47 -40.60
C VAL B 312 30.13 -27.56 -40.93
N VAL B 313 29.41 -27.35 -42.02
CA VAL B 313 28.56 -28.40 -42.57
C VAL B 313 29.27 -29.23 -43.62
N GLU B 314 29.19 -30.54 -43.43
CA GLU B 314 29.79 -31.53 -44.30
C GLU B 314 29.05 -31.54 -45.63
N GLU B 315 29.69 -32.09 -46.67
CA GLU B 315 29.04 -32.21 -47.97
C GLU B 315 27.80 -33.08 -47.81
N GLU B 316 27.96 -34.38 -48.03
CA GLU B 316 26.84 -35.33 -47.92
C GLU B 316 27.23 -36.41 -46.90
N ALA B 317 26.35 -36.74 -45.96
CA ALA B 317 26.58 -37.94 -45.17
C ALA B 317 26.48 -39.19 -46.05
N LEU B 318 27.09 -40.28 -45.60
CA LEU B 318 26.98 -41.57 -46.26
C LEU B 318 25.54 -42.10 -46.28
N TYR B 322 23.55 -45.76 -42.41
CA TYR B 322 23.52 -45.46 -40.99
C TYR B 322 24.69 -46.15 -40.28
N HIS B 323 25.46 -46.88 -41.07
CA HIS B 323 26.70 -47.51 -40.63
C HIS B 323 27.84 -46.51 -40.50
N SER B 324 27.64 -45.30 -41.02
CA SER B 324 28.69 -44.30 -40.98
C SER B 324 28.51 -43.46 -39.74
N LEU B 325 27.52 -43.82 -38.92
CA LEU B 325 27.36 -43.19 -37.60
C LEU B 325 28.70 -43.46 -36.93
N LYS B 326 29.18 -42.52 -36.12
CA LYS B 326 30.51 -42.67 -35.56
C LYS B 326 30.58 -42.25 -34.11
N LYS B 327 31.53 -42.83 -33.37
CA LYS B 327 31.81 -42.37 -32.01
C LYS B 327 31.88 -40.84 -31.96
N GLY B 328 31.07 -40.28 -31.08
CA GLY B 328 30.93 -38.84 -30.88
C GLY B 328 29.83 -38.24 -31.73
N ASP B 329 29.20 -39.06 -32.56
CA ASP B 329 27.95 -38.69 -33.23
C ASP B 329 26.85 -38.48 -32.19
N CYS B 330 26.06 -37.44 -32.38
CA CYS B 330 24.82 -37.28 -31.64
C CYS B 330 23.75 -37.24 -32.70
N VAL B 331 22.83 -38.20 -32.63
CA VAL B 331 21.71 -38.24 -33.57
C VAL B 331 20.53 -37.51 -32.98
N VAL B 332 20.11 -36.43 -33.63
CA VAL B 332 19.04 -35.66 -33.02
C VAL B 332 17.64 -35.99 -33.52
N ALA B 333 16.87 -36.55 -32.58
CA ALA B 333 15.46 -36.91 -32.72
C ALA B 333 14.75 -35.99 -31.75
N PHE B 334 13.76 -35.22 -32.16
CA PHE B 334 13.08 -34.37 -31.17
C PHE B 334 12.13 -35.13 -30.26
N SER B 335 11.29 -34.40 -29.53
CA SER B 335 10.33 -35.07 -28.66
C SER B 335 9.39 -35.81 -29.60
N LYS B 336 9.83 -37.01 -29.86
CA LYS B 336 9.27 -38.00 -30.75
C LYS B 336 10.12 -39.12 -30.22
N LYS B 337 9.87 -39.39 -28.93
CA LYS B 337 10.47 -40.49 -28.22
C LYS B 337 10.12 -41.83 -28.82
N ALA B 338 8.95 -42.00 -29.43
CA ALA B 338 8.77 -43.24 -30.16
C ALA B 338 9.80 -43.44 -31.30
N ILE B 339 10.11 -42.37 -32.02
CA ILE B 339 11.18 -42.35 -33.02
C ILE B 339 12.60 -42.52 -32.47
N LEU B 340 12.84 -41.84 -31.35
CA LEU B 340 14.07 -41.96 -30.58
C LEU B 340 14.33 -43.39 -30.12
N ASP B 341 13.32 -43.98 -29.50
CA ASP B 341 13.35 -45.34 -28.99
C ASP B 341 13.62 -46.33 -30.12
N LEU B 342 12.85 -46.24 -31.20
CA LEU B 342 13.03 -47.17 -32.32
C LEU B 342 14.43 -47.05 -32.95
N LYS B 343 14.89 -45.81 -33.17
CA LYS B 343 16.20 -45.61 -33.75
C LYS B 343 17.35 -46.10 -32.85
N LEU B 344 17.27 -45.79 -31.57
CA LEU B 344 18.30 -46.22 -30.62
C LEU B 344 18.38 -47.73 -30.45
N GLU B 345 17.23 -48.40 -30.39
CA GLU B 345 17.26 -49.86 -30.42
C GLU B 345 17.81 -50.46 -31.71
N ILE B 346 17.44 -49.93 -32.87
CA ILE B 346 18.08 -50.40 -34.11
C ILE B 346 19.60 -50.21 -34.22
N GLU B 347 20.07 -48.99 -33.93
CA GLU B 347 21.49 -48.68 -33.97
C GLU B 347 22.29 -49.45 -32.92
N LYS B 348 21.63 -49.80 -31.81
CA LYS B 348 22.21 -50.70 -30.83
C LYS B 348 22.33 -52.11 -31.42
N LYS B 349 21.30 -52.52 -32.15
CA LYS B 349 21.21 -53.87 -32.68
C LYS B 349 22.19 -54.08 -33.84
N THR B 350 22.80 -53.01 -34.32
CA THR B 350 23.96 -53.24 -35.18
C THR B 350 25.25 -53.22 -34.33
N GLU B 351 26.14 -52.25 -34.57
CA GLU B 351 27.28 -52.03 -33.68
C GLU B 351 27.09 -50.88 -32.68
N LEU B 352 27.97 -50.83 -31.67
CA LEU B 352 27.91 -49.84 -30.60
C LEU B 352 26.57 -49.89 -29.87
N VAL B 356 21.03 -42.06 -24.72
CA VAL B 356 19.78 -41.37 -25.02
C VAL B 356 19.38 -40.28 -24.01
N ILE B 357 19.11 -39.10 -24.54
CA ILE B 357 18.57 -37.98 -23.81
C ILE B 357 17.40 -37.38 -24.58
N TYR B 358 16.25 -37.31 -23.93
CA TYR B 358 15.11 -36.57 -24.46
C TYR B 358 14.49 -35.80 -23.31
N GLY B 359 13.61 -34.88 -23.65
CA GLY B 359 13.13 -33.90 -22.70
C GLY B 359 12.35 -34.46 -21.54
N SER B 360 11.65 -35.57 -21.71
CA SER B 360 10.81 -36.05 -20.63
C SER B 360 11.51 -37.01 -19.68
N LEU B 361 12.78 -37.27 -19.93
CA LEU B 361 13.65 -37.94 -18.96
C LEU B 361 13.84 -37.15 -17.64
N PRO B 362 13.99 -37.85 -16.49
CA PRO B 362 14.44 -37.16 -15.27
C PRO B 362 15.89 -36.63 -15.37
N PRO B 363 16.23 -35.53 -14.67
CA PRO B 363 17.59 -34.94 -14.62
C PRO B 363 18.77 -35.84 -14.22
N GLU B 364 18.63 -36.61 -13.15
CA GLU B 364 19.70 -37.49 -12.66
C GLU B 364 20.15 -38.52 -13.69
N THR B 365 19.14 -39.14 -14.30
CA THR B 365 19.33 -40.08 -15.41
C THR B 365 20.07 -39.41 -16.57
N ARG B 366 19.69 -38.18 -16.91
CA ARG B 366 20.37 -37.40 -17.94
C ARG B 366 21.84 -37.14 -17.60
N VAL B 367 22.13 -36.79 -16.37
CA VAL B 367 23.51 -36.59 -15.91
C VAL B 367 24.35 -37.88 -16.02
N LYS B 368 23.75 -38.98 -15.59
CA LYS B 368 24.36 -40.32 -15.64
C LYS B 368 24.64 -40.66 -17.09
N GLN B 369 23.67 -40.38 -17.95
CA GLN B 369 23.81 -40.55 -19.39
C GLN B 369 24.91 -39.70 -20.01
N ALA B 370 25.05 -38.44 -19.58
CA ALA B 370 26.18 -37.63 -19.99
C ALA B 370 27.56 -38.16 -19.59
N ASN B 371 27.71 -38.55 -18.34
CA ASN B 371 28.96 -39.16 -17.87
C ASN B 371 29.31 -40.48 -18.56
N LEU B 372 28.30 -41.32 -18.75
CA LEU B 372 28.45 -42.58 -19.48
C LEU B 372 28.86 -42.28 -20.91
N PHE B 373 28.20 -41.29 -21.53
CA PHE B 373 28.57 -40.88 -22.87
C PHE B 373 30.01 -40.36 -22.93
N ASN B 374 30.39 -39.56 -21.93
CA ASN B 374 31.75 -38.98 -21.88
C ASN B 374 32.82 -40.05 -21.67
N SER B 375 32.39 -41.26 -21.32
CA SER B 375 33.28 -42.42 -21.25
C SER B 375 32.95 -43.38 -22.39
N GLY B 376 33.91 -44.23 -22.76
CA GLY B 376 33.69 -45.16 -23.85
C GLY B 376 32.88 -46.38 -23.48
N GLU B 377 32.13 -46.30 -22.38
CA GLU B 377 31.03 -47.23 -22.14
C GLU B 377 29.82 -46.79 -22.94
N PHE B 378 29.91 -45.61 -23.53
CA PHE B 378 28.90 -45.12 -24.44
C PHE B 378 29.59 -44.34 -25.53
N ASP B 379 29.08 -44.40 -26.75
CA ASP B 379 29.89 -44.11 -27.91
C ASP B 379 29.21 -42.98 -28.66
N ILE B 380 27.96 -43.23 -29.02
CA ILE B 380 27.14 -42.22 -29.64
C ILE B 380 26.00 -41.94 -28.68
N LEU B 381 25.17 -40.97 -29.02
CA LEU B 381 24.06 -40.60 -28.17
C LEU B 381 22.93 -40.09 -29.01
N ILE B 382 21.69 -40.37 -28.64
CA ILE B 382 20.62 -39.69 -29.32
C ILE B 382 20.08 -38.60 -28.40
N ALA B 383 20.04 -37.38 -28.91
CA ALA B 383 19.40 -36.27 -28.21
C ALA B 383 18.08 -35.86 -28.83
N SER B 384 17.68 -34.68 -28.40
CA SER B 384 16.39 -34.07 -28.69
C SER B 384 16.71 -32.60 -28.74
N ASP B 385 15.72 -31.74 -28.91
CA ASP B 385 16.01 -30.32 -28.81
C ASP B 385 16.28 -29.94 -27.36
N ALA B 386 16.06 -30.88 -26.44
CA ALA B 386 16.38 -30.73 -25.03
C ALA B 386 17.89 -30.59 -24.81
N ILE B 387 18.65 -30.96 -25.83
CA ILE B 387 20.11 -30.76 -25.87
C ILE B 387 20.51 -29.33 -26.16
N GLY B 388 19.53 -28.50 -26.52
CA GLY B 388 19.80 -27.11 -26.84
C GLY B 388 20.44 -26.40 -25.67
N MET B 389 20.07 -26.82 -24.47
CA MET B 389 20.64 -26.26 -23.25
C MET B 389 20.72 -27.25 -22.09
N GLY B 390 21.62 -26.99 -21.15
CA GLY B 390 21.69 -27.76 -19.93
C GLY B 390 23.04 -28.39 -19.65
N LEU B 391 23.06 -29.71 -19.57
CA LEU B 391 24.27 -30.51 -19.53
C LEU B 391 25.41 -29.95 -20.40
N ASN B 392 26.62 -29.97 -19.85
CA ASN B 392 27.83 -29.61 -20.58
C ASN B 392 28.35 -30.87 -21.24
N LEU B 393 28.18 -30.96 -22.56
CA LEU B 393 28.49 -32.20 -23.25
C LEU B 393 29.59 -32.10 -24.30
N SER B 394 30.45 -33.11 -24.28
CA SER B 394 31.58 -33.22 -25.21
C SER B 394 31.16 -33.94 -26.50
N ILE B 395 30.59 -33.19 -27.44
CA ILE B 395 30.02 -33.77 -28.63
C ILE B 395 30.91 -33.30 -29.78
N ASP B 396 31.61 -34.24 -30.41
CA ASP B 396 32.32 -33.99 -31.67
C ASP B 396 31.45 -33.64 -32.86
N ARG B 397 30.39 -34.41 -33.12
CA ARG B 397 29.65 -34.25 -34.37
C ARG B 397 28.15 -34.42 -34.17
N VAL B 398 27.39 -33.44 -34.65
CA VAL B 398 25.94 -33.49 -34.71
C VAL B 398 25.39 -34.09 -36.01
N VAL B 399 24.57 -35.13 -35.88
CA VAL B 399 23.86 -35.72 -37.01
C VAL B 399 22.36 -35.52 -36.83
N PHE B 400 21.76 -34.65 -37.66
CA PHE B 400 20.31 -34.47 -37.66
C PHE B 400 19.57 -35.62 -38.32
N THR B 401 18.66 -36.26 -37.57
CA THR B 401 17.90 -37.38 -38.12
C THR B 401 16.89 -36.91 -39.16
N THR B 402 16.34 -35.73 -38.92
CA THR B 402 15.29 -35.16 -39.76
C THR B 402 15.19 -33.65 -39.65
N SER B 403 14.29 -33.06 -40.44
CA SER B 403 14.04 -31.63 -40.44
C SER B 403 12.61 -31.32 -39.97
N MET B 411 5.37 -31.47 -36.96
CA MET B 411 5.62 -31.79 -38.36
C MET B 411 6.04 -30.54 -39.15
N VAL B 412 6.08 -29.39 -38.48
CA VAL B 412 6.45 -28.14 -39.14
C VAL B 412 7.96 -28.20 -39.40
N ASP B 413 8.46 -27.42 -40.34
CA ASP B 413 9.92 -27.26 -40.42
C ASP B 413 10.51 -26.62 -39.16
N MET B 414 11.72 -27.06 -38.82
CA MET B 414 12.51 -26.46 -37.74
C MET B 414 12.88 -25.01 -38.05
N THR B 415 12.93 -24.15 -37.03
CA THR B 415 13.33 -22.78 -37.28
C THR B 415 14.85 -22.75 -37.48
N SER B 416 15.34 -21.74 -38.21
CA SER B 416 16.76 -21.51 -38.43
C SER B 416 17.54 -21.42 -37.11
N SER B 417 16.92 -20.71 -36.16
CA SER B 417 17.41 -20.54 -34.80
C SER B 417 17.59 -21.84 -34.03
N ALA B 418 16.62 -22.74 -34.10
CA ALA B 418 16.70 -24.03 -33.41
C ALA B 418 17.85 -24.88 -33.97
N ILE B 419 17.96 -24.92 -35.30
CA ILE B 419 19.05 -25.62 -35.96
C ILE B 419 20.41 -25.06 -35.50
N LYS B 420 20.51 -23.73 -35.45
CA LYS B 420 21.75 -23.08 -35.00
C LYS B 420 22.08 -23.40 -33.53
N GLN B 421 21.05 -23.41 -32.68
CA GLN B 421 21.17 -23.75 -31.27
C GLN B 421 21.62 -25.19 -31.02
N ILE B 422 21.04 -26.13 -31.75
CA ILE B 422 21.46 -27.54 -31.67
C ILE B 422 22.91 -27.74 -32.17
N GLY B 423 23.20 -27.16 -33.34
CA GLY B 423 24.51 -27.30 -33.95
C GLY B 423 25.68 -26.64 -33.25
N GLY B 424 25.42 -25.59 -32.47
CA GLY B 424 26.50 -24.93 -31.74
C GLY B 424 27.00 -25.61 -30.47
N ARG B 425 26.44 -26.77 -30.14
CA ARG B 425 26.96 -27.58 -29.03
C ARG B 425 28.16 -28.49 -29.33
N ALA B 426 28.46 -28.75 -30.59
CA ALA B 426 29.74 -29.34 -30.97
C ALA B 426 31.00 -28.49 -30.71
N GLY B 427 30.87 -27.40 -29.96
CA GLY B 427 32.02 -26.65 -29.49
C GLY B 427 32.86 -27.41 -28.48
N PRO B 440 37.85 -27.61 -31.29
CA PRO B 440 37.16 -26.34 -31.55
C PRO B 440 36.49 -26.32 -32.92
N VAL B 441 36.60 -27.42 -33.66
CA VAL B 441 35.92 -27.58 -34.94
C VAL B 441 34.77 -28.57 -34.77
N GLY B 442 33.53 -28.10 -34.95
CA GLY B 442 32.41 -29.01 -34.93
C GLY B 442 31.91 -29.35 -36.32
N TYR B 443 31.27 -30.50 -36.43
CA TYR B 443 30.69 -30.92 -37.70
C TYR B 443 29.21 -31.23 -37.55
N ILE B 444 28.48 -31.01 -38.63
CA ILE B 444 27.04 -31.24 -38.70
C ILE B 444 26.66 -31.95 -40.01
N THR B 445 25.76 -32.94 -39.94
CA THR B 445 25.24 -33.51 -41.19
C THR B 445 23.84 -34.07 -40.99
N ALA B 446 23.23 -34.55 -42.05
CA ALA B 446 21.94 -35.24 -42.00
C ALA B 446 21.96 -36.70 -42.37
N VAL B 447 20.93 -37.44 -41.96
CA VAL B 447 20.80 -38.83 -42.40
C VAL B 447 20.55 -38.81 -43.91
N LYS B 448 19.67 -37.90 -44.35
CA LYS B 448 19.16 -37.88 -45.72
C LYS B 448 19.62 -36.60 -46.43
N PRO B 449 20.10 -36.71 -47.71
CA PRO B 449 20.77 -35.59 -48.41
C PRO B 449 19.94 -34.31 -48.54
N ASN B 450 18.63 -34.51 -48.72
CA ASN B 450 17.65 -33.43 -48.81
C ASN B 450 17.64 -32.61 -47.51
N VAL B 451 17.84 -33.34 -46.40
CA VAL B 451 17.79 -32.66 -45.13
C VAL B 451 19.14 -32.00 -45.03
N LEU B 452 20.13 -32.58 -45.71
CA LEU B 452 21.51 -32.09 -45.52
C LEU B 452 21.59 -30.67 -46.04
N LYS B 453 21.04 -30.49 -47.24
CA LYS B 453 20.91 -29.18 -47.85
C LYS B 453 19.94 -28.22 -47.15
N ALA B 454 18.83 -28.73 -46.65
CA ALA B 454 17.93 -27.90 -45.83
C ALA B 454 18.58 -27.36 -44.55
N VAL B 455 19.36 -28.21 -43.91
CA VAL B 455 20.22 -27.87 -42.78
C VAL B 455 21.32 -26.88 -43.13
N ARG B 456 21.97 -27.05 -44.28
CA ARG B 456 22.96 -26.08 -44.74
C ARG B 456 22.34 -24.70 -44.96
N GLU B 457 21.13 -24.68 -45.50
CA GLU B 457 20.38 -23.44 -45.61
C GLU B 457 20.04 -22.81 -44.24
N ALA B 458 19.49 -23.59 -43.31
CA ALA B 458 19.14 -23.09 -41.97
C ALA B 458 20.38 -22.60 -41.20
N ILE B 459 21.45 -23.39 -41.30
CA ILE B 459 22.75 -23.15 -40.68
C ILE B 459 23.41 -21.89 -41.21
N ASN B 460 23.20 -21.57 -42.47
CA ASN B 460 23.90 -20.44 -43.06
C ASN B 460 22.99 -19.20 -43.06
N ALA B 461 21.75 -19.38 -42.64
CA ALA B 461 20.79 -18.29 -42.52
C ALA B 461 21.23 -17.34 -41.40
N PRO B 462 21.29 -16.03 -41.70
CA PRO B 462 21.57 -14.91 -40.79
C PRO B 462 20.75 -14.87 -39.49
N ILE B 463 21.14 -13.97 -38.58
CA ILE B 463 20.49 -13.82 -37.29
C ILE B 463 19.10 -13.23 -37.41
N GLU B 464 18.10 -14.08 -37.60
CA GLU B 464 16.71 -13.65 -37.59
C GLU B 464 16.40 -12.92 -36.29
N TYR B 465 15.78 -11.74 -36.38
CA TYR B 465 15.46 -11.00 -35.17
C TYR B 465 14.00 -11.20 -34.73
N LEU B 466 13.81 -11.42 -33.44
CA LEU B 466 12.51 -11.48 -32.80
C LEU B 466 11.81 -10.12 -32.78
N THR B 467 10.49 -10.12 -32.97
CA THR B 467 9.81 -8.90 -33.40
C THR B 467 9.17 -8.29 -32.16
N SER B 468 9.00 -9.12 -31.14
CA SER B 468 8.07 -8.81 -30.06
C SER B 468 8.45 -9.64 -28.84
N ALA B 469 7.84 -9.35 -27.69
CA ALA B 469 8.18 -10.05 -26.46
C ALA B 469 6.94 -10.56 -25.75
N THR B 470 6.94 -11.79 -25.25
CA THR B 470 5.63 -12.36 -24.98
C THR B 470 5.34 -11.88 -23.57
N THR B 471 4.07 -11.65 -23.24
CA THR B 471 3.75 -11.18 -21.91
C THR B 471 2.63 -11.94 -21.21
N TRP B 472 2.63 -11.86 -19.88
CA TRP B 472 1.51 -12.38 -19.10
C TRP B 472 1.30 -11.54 -17.86
N PRO B 473 0.04 -11.20 -17.58
CA PRO B 473 -0.38 -10.50 -16.37
C PRO B 473 0.13 -11.20 -15.12
N THR B 474 0.62 -10.44 -14.15
CA THR B 474 1.14 -11.02 -12.93
C THR B 474 -0.10 -11.32 -12.09
N ASP B 475 0.04 -12.17 -11.07
CA ASP B 475 -0.99 -12.39 -10.05
C ASP B 475 -1.71 -11.11 -9.63
N GLU B 476 -0.96 -10.15 -9.11
CA GLU B 476 -1.44 -8.86 -8.60
C GLU B 476 -2.37 -8.12 -9.58
N ILE B 477 -1.97 -8.04 -10.83
CA ILE B 477 -2.73 -7.35 -11.88
C ILE B 477 -4.05 -8.07 -12.16
N CYS B 478 -4.11 -9.39 -12.27
CA CYS B 478 -5.32 -9.97 -12.84
C CYS B 478 -6.25 -10.34 -11.68
N THR B 479 -5.68 -10.37 -10.46
CA THR B 479 -6.49 -10.24 -9.24
C THR B 479 -7.22 -8.89 -9.24
N HIS B 480 -6.48 -7.82 -9.56
CA HIS B 480 -7.08 -6.49 -9.70
C HIS B 480 -8.16 -6.48 -10.78
N VAL B 481 -7.91 -7.15 -11.91
CA VAL B 481 -8.90 -7.27 -12.98
C VAL B 481 -10.17 -7.97 -12.52
N MET B 482 -10.03 -9.01 -11.69
CA MET B 482 -11.20 -9.66 -11.11
C MET B 482 -11.96 -8.60 -10.32
N THR B 483 -11.20 -7.75 -9.63
CA THR B 483 -11.73 -6.57 -8.93
C THR B 483 -12.62 -6.95 -7.76
N THR B 493 -12.46 -18.27 -16.38
CA THR B 493 -11.74 -17.93 -17.61
C THR B 493 -11.94 -16.46 -17.97
N LEU B 494 -11.68 -15.57 -17.01
CA LEU B 494 -11.55 -14.15 -17.28
C LEU B 494 -10.35 -13.81 -18.15
N LEU B 495 -9.36 -14.70 -18.22
CA LEU B 495 -8.15 -14.29 -18.90
C LEU B 495 -8.40 -14.27 -20.41
N GLU B 496 -9.52 -14.85 -20.84
CA GLU B 496 -9.78 -14.97 -22.28
C GLU B 496 -9.79 -13.53 -22.77
N THR B 497 -10.52 -12.78 -21.93
CA THR B 497 -10.83 -11.37 -22.08
C THR B 497 -9.61 -10.53 -21.78
N ILE B 498 -8.92 -10.84 -20.68
CA ILE B 498 -7.73 -10.06 -20.34
C ILE B 498 -6.71 -10.11 -21.47
N ALA B 499 -6.36 -11.31 -21.94
CA ALA B 499 -5.43 -11.48 -23.05
C ALA B 499 -5.94 -10.85 -24.36
N ALA B 500 -7.26 -10.89 -24.55
CA ALA B 500 -7.88 -10.18 -25.68
C ALA B 500 -7.73 -8.66 -25.64
N ASP B 501 -7.92 -8.01 -24.49
CA ASP B 501 -7.79 -6.56 -24.45
C ASP B 501 -6.30 -6.23 -24.40
N ILE B 502 -5.49 -7.21 -24.01
CA ILE B 502 -4.05 -7.02 -23.88
C ILE B 502 -3.61 -6.83 -25.31
N GLU B 503 -4.22 -7.62 -26.19
CA GLU B 503 -3.96 -7.54 -27.62
C GLU B 503 -4.64 -6.30 -28.19
N GLN B 504 -5.90 -6.09 -27.80
CA GLN B 504 -6.71 -4.99 -28.33
C GLN B 504 -6.45 -3.69 -27.57
N ASN B 507 -0.43 -0.96 -27.45
CA ASN B 507 0.90 -1.55 -27.63
C ASN B 507 0.92 -2.52 -28.80
N LYS B 508 2.10 -2.79 -29.34
CA LYS B 508 2.18 -3.60 -30.54
C LYS B 508 3.35 -4.59 -30.57
N LEU B 509 4.46 -4.31 -29.87
CA LEU B 509 5.51 -5.32 -29.83
C LEU B 509 5.45 -6.21 -28.57
N PHE B 510 4.24 -6.57 -28.16
CA PHE B 510 4.02 -7.53 -27.09
C PHE B 510 3.08 -8.66 -27.51
N GLN B 511 3.39 -9.88 -27.07
CA GLN B 511 2.63 -11.05 -27.50
C GLN B 511 1.74 -11.52 -26.34
N ILE B 512 0.67 -12.25 -26.66
CA ILE B 512 -0.08 -12.99 -25.66
C ILE B 512 0.45 -14.42 -25.66
N CYS B 513 0.54 -15.04 -24.49
CA CYS B 513 0.77 -16.47 -24.39
C CYS B 513 -0.18 -17.32 -25.23
N ASP B 514 0.23 -18.56 -25.49
CA ASP B 514 -0.69 -19.63 -25.87
C ASP B 514 -1.54 -20.01 -24.67
N LEU B 515 -0.87 -20.51 -23.63
CA LEU B 515 -1.51 -20.92 -22.39
C LEU B 515 -2.50 -22.06 -22.58
N LYS B 516 -2.46 -22.71 -23.75
CA LYS B 516 -3.44 -23.73 -24.11
C LYS B 516 -3.40 -24.84 -23.05
N ALA B 517 -2.19 -25.14 -22.59
CA ALA B 517 -1.96 -26.05 -21.49
C ALA B 517 -2.56 -25.49 -20.19
N ARG B 518 -2.38 -24.20 -19.95
CA ARG B 518 -2.91 -23.54 -18.76
C ARG B 518 -4.44 -23.51 -18.73
N MET B 519 -5.07 -23.16 -19.87
CA MET B 519 -6.52 -23.26 -20.01
C MET B 519 -7.03 -24.70 -19.84
N SER B 520 -6.29 -25.64 -20.42
CA SER B 520 -6.55 -27.06 -20.22
C SER B 520 -6.61 -27.39 -18.73
N ALA B 521 -5.59 -26.99 -17.99
CA ALA B 521 -5.58 -27.21 -16.54
C ALA B 521 -6.74 -26.47 -15.86
N ILE B 522 -7.04 -25.28 -16.37
CA ILE B 522 -8.23 -24.51 -16.02
C ILE B 522 -9.56 -25.20 -16.30
N GLU B 523 -9.53 -26.33 -17.00
CA GLU B 523 -10.77 -27.04 -17.28
C GLU B 523 -11.37 -27.45 -15.94
N ILE B 524 -10.47 -27.75 -14.98
CA ILE B 524 -10.84 -27.99 -13.59
C ILE B 524 -11.55 -26.78 -12.98
N ILE B 531 -13.76 -22.80 -1.71
CA ILE B 531 -12.90 -22.70 -2.88
C ILE B 531 -12.04 -21.46 -2.79
N THR B 532 -10.81 -21.56 -3.28
CA THR B 532 -9.98 -20.37 -3.47
C THR B 532 -9.79 -20.03 -4.95
N PHE B 533 -9.79 -18.74 -5.25
CA PHE B 533 -9.64 -18.27 -6.63
C PHE B 533 -8.15 -18.00 -6.85
N SER B 534 -7.51 -17.43 -5.82
CA SER B 534 -6.17 -16.89 -5.93
C SER B 534 -5.22 -18.03 -6.29
N ASP B 535 -5.35 -19.13 -5.56
CA ASP B 535 -4.56 -20.32 -5.82
C ASP B 535 -4.93 -20.96 -7.15
N LYS B 536 -6.21 -20.87 -7.53
CA LYS B 536 -6.65 -21.38 -8.81
C LYS B 536 -5.82 -20.76 -9.95
N LEU B 537 -5.53 -19.46 -9.83
CA LEU B 537 -4.58 -18.79 -10.71
C LEU B 537 -3.17 -19.33 -10.45
N ARG B 538 -2.80 -19.35 -9.17
CA ARG B 538 -1.47 -19.77 -8.72
C ARG B 538 -1.14 -21.17 -9.19
N LEU B 539 -2.13 -22.07 -9.15
CA LEU B 539 -1.99 -23.40 -9.71
C LEU B 539 -2.25 -23.55 -11.22
N SER B 540 -2.74 -22.52 -11.91
CA SER B 540 -3.17 -22.74 -13.30
C SER B 540 -1.91 -22.84 -14.17
N ASN B 541 -0.79 -22.48 -13.55
CA ASN B 541 0.59 -22.61 -14.04
C ASN B 541 1.32 -23.91 -13.66
N ALA B 542 0.59 -24.87 -13.09
CA ALA B 542 1.18 -26.18 -12.79
C ALA B 542 1.06 -27.14 -13.98
N PRO B 543 2.08 -28.02 -14.14
CA PRO B 543 2.43 -28.74 -15.37
C PRO B 543 1.98 -30.19 -15.47
N LEU B 544 1.56 -30.60 -16.67
CA LEU B 544 1.04 -31.94 -16.90
C LEU B 544 0.91 -32.27 -18.39
N LYS B 545 0.46 -33.49 -18.68
CA LYS B 545 0.53 -34.05 -20.03
C LYS B 545 -0.81 -34.07 -20.76
N ASP B 546 -0.88 -33.32 -21.85
CA ASP B 546 -2.11 -33.08 -22.60
C ASP B 546 -3.24 -32.61 -21.68
N PRO B 548 -5.56 -39.76 -19.39
CA PRO B 548 -5.52 -38.59 -18.50
C PRO B 548 -5.13 -38.96 -17.07
N LEU B 549 -4.08 -39.76 -16.91
CA LEU B 549 -3.60 -40.14 -15.59
C LEU B 549 -3.10 -38.90 -14.83
N VAL B 550 -2.46 -38.00 -15.55
CA VAL B 550 -2.06 -36.71 -15.00
C VAL B 550 -3.29 -35.88 -14.61
N LYS B 551 -4.31 -35.90 -15.47
CA LYS B 551 -5.60 -35.26 -15.19
C LYS B 551 -6.36 -35.85 -13.98
N ALA B 552 -6.40 -37.16 -13.86
CA ALA B 552 -6.99 -37.82 -12.69
C ALA B 552 -6.23 -37.53 -11.38
N ALA B 553 -4.90 -37.55 -11.45
CA ALA B 553 -4.09 -37.15 -10.31
C ALA B 553 -4.36 -35.70 -9.92
N PHE B 554 -4.48 -34.83 -10.93
CA PHE B 554 -4.84 -33.43 -10.74
C PHE B 554 -6.21 -33.25 -10.07
N LYS B 555 -7.21 -34.00 -10.52
CA LYS B 555 -8.51 -34.04 -9.87
C LYS B 555 -8.39 -34.41 -8.40
N LYS B 556 -7.70 -35.52 -8.11
CA LYS B 556 -7.52 -35.96 -6.74
C LYS B 556 -6.84 -34.86 -5.91
N PHE B 557 -5.91 -34.15 -6.52
CA PHE B 557 -5.26 -32.99 -5.89
C PHE B 557 -6.20 -31.80 -5.61
N CYS B 558 -7.11 -31.48 -6.53
CA CYS B 558 -8.08 -30.40 -6.31
C CYS B 558 -9.06 -30.80 -5.18
N ASP B 559 -9.45 -32.07 -5.20
CA ASP B 559 -10.28 -32.66 -4.15
C ASP B 559 -9.55 -32.60 -2.81
N THR B 560 -8.25 -32.84 -2.84
CA THR B 560 -7.45 -32.82 -1.62
C THR B 560 -7.24 -31.37 -1.18
N ILE B 561 -7.45 -30.44 -2.12
CA ILE B 561 -7.47 -29.01 -1.80
C ILE B 561 -8.80 -28.63 -1.13
N ALA B 562 -9.87 -29.32 -1.49
CA ALA B 562 -11.21 -28.96 -1.04
C ALA B 562 -11.47 -29.44 0.38
N ARG B 563 -10.76 -30.48 0.80
CA ARG B 563 -10.83 -30.95 2.17
C ARG B 563 -10.02 -30.04 3.08
N GLY B 564 -9.22 -29.17 2.46
CA GLY B 564 -8.37 -28.26 3.20
C GLY B 564 -7.42 -28.96 4.16
N SER B 571 1.39 -39.08 0.05
CA SER B 571 -0.02 -39.27 -0.29
C SER B 571 -0.16 -40.39 -1.32
N TYR B 572 -0.96 -41.41 -0.99
CA TYR B 572 -1.09 -42.58 -1.84
C TYR B 572 -2.54 -42.91 -2.18
N ARG B 573 -2.72 -43.54 -3.34
CA ARG B 573 -4.04 -43.95 -3.82
C ARG B 573 -4.63 -45.02 -2.90
N PRO B 575 0.14 -47.25 -7.89
CA PRO B 575 1.34 -46.55 -7.46
C PRO B 575 2.43 -47.49 -6.94
N PHE B 576 2.35 -48.76 -7.28
CA PHE B 576 3.35 -49.71 -6.80
C PHE B 576 4.31 -50.17 -7.89
N ASP B 577 5.58 -50.29 -7.51
CA ASP B 577 6.60 -50.95 -8.31
C ASP B 577 7.47 -51.70 -7.32
N ILE B 578 7.93 -52.90 -7.68
CA ILE B 578 8.88 -53.62 -6.84
C ILE B 578 9.64 -54.67 -7.64
N LEU B 579 10.94 -54.73 -7.42
CA LEU B 579 11.85 -55.60 -8.18
C LEU B 579 11.77 -55.32 -9.68
N LEU B 591 7.04 -49.11 -18.91
CA LEU B 591 8.03 -48.05 -19.03
C LEU B 591 7.34 -46.69 -19.08
N GLU B 592 6.30 -46.62 -19.91
CA GLU B 592 5.38 -45.48 -19.96
C GLU B 592 4.69 -45.20 -18.62
N GLU B 593 4.38 -46.29 -17.92
CA GLU B 593 3.96 -46.24 -16.53
C GLU B 593 4.99 -45.63 -15.56
N TYR B 594 6.28 -45.99 -15.66
CA TYR B 594 7.25 -45.32 -14.79
C TYR B 594 7.50 -43.84 -15.06
N GLU B 595 7.59 -43.43 -16.32
CA GLU B 595 7.60 -42.00 -16.62
C GLU B 595 6.39 -41.19 -16.16
N ALA B 596 5.18 -41.73 -16.34
CA ALA B 596 3.99 -41.09 -15.76
C ALA B 596 3.96 -41.00 -14.24
N LEU B 597 4.31 -42.09 -13.55
CA LEU B 597 4.46 -42.06 -12.11
C LEU B 597 5.52 -41.09 -11.58
N TYR B 598 6.67 -41.04 -12.26
CA TYR B 598 7.69 -40.06 -11.91
C TYR B 598 7.18 -38.62 -12.03
N ASN B 599 6.48 -38.32 -13.13
CA ASN B 599 5.88 -36.99 -13.26
C ASN B 599 4.84 -36.67 -12.17
N ILE B 600 4.00 -37.65 -11.78
CA ILE B 600 3.10 -37.40 -10.64
C ILE B 600 3.80 -37.19 -9.29
N ILE B 601 4.85 -37.96 -9.00
CA ILE B 601 5.63 -37.72 -7.80
C ILE B 601 6.28 -36.33 -7.81
N MET B 602 6.81 -35.91 -8.95
CA MET B 602 7.26 -34.51 -9.12
C MET B 602 6.19 -33.44 -8.93
N LEU B 603 4.99 -33.66 -9.47
CA LEU B 603 3.88 -32.73 -9.28
C LEU B 603 3.53 -32.58 -7.79
N PHE B 604 3.58 -33.71 -7.11
CA PHE B 604 3.45 -33.77 -5.67
C PHE B 604 4.54 -32.93 -5.02
N PHE B 605 5.77 -32.99 -5.54
CA PHE B 605 6.87 -32.20 -4.99
C PHE B 605 6.58 -30.71 -5.24
N TRP B 606 5.96 -30.38 -6.37
CA TRP B 606 5.54 -29.00 -6.61
C TRP B 606 4.56 -28.45 -5.62
N LEU B 607 3.54 -29.24 -5.32
CA LEU B 607 2.62 -28.76 -4.34
C LEU B 607 3.27 -28.72 -2.95
N SER B 608 4.08 -29.73 -2.61
CA SER B 608 4.73 -29.71 -1.29
C SER B 608 5.65 -28.54 -1.05
N ASN B 609 6.37 -28.14 -2.10
CA ASN B 609 7.17 -26.93 -2.07
C ASN B 609 6.30 -25.68 -2.10
N ARG B 610 5.03 -25.87 -2.42
CA ARG B 610 4.12 -24.74 -2.40
C ARG B 610 3.17 -24.75 -1.21
N TYR B 611 2.96 -25.90 -0.57
CA TYR B 611 1.94 -25.93 0.47
C TYR B 611 2.27 -26.76 1.71
N PRO B 612 3.30 -26.39 2.50
CA PRO B 612 3.81 -27.29 3.54
C PRO B 612 2.71 -27.54 4.60
N ASN B 613 1.52 -27.93 4.14
CA ASN B 613 0.37 -28.19 5.00
C ASN B 613 -0.77 -28.87 4.26
N PHE B 615 0.50 -31.07 2.44
CA PHE B 615 1.28 -32.18 1.90
C PHE B 615 2.61 -32.33 2.63
N ILE B 616 2.74 -33.46 3.33
CA ILE B 616 3.73 -33.58 4.40
C ILE B 616 4.86 -34.57 4.10
N ASP B 617 4.62 -35.50 3.17
CA ASP B 617 5.51 -36.66 2.89
C ASP B 617 7.02 -36.33 3.01
N GLN B 618 7.40 -35.18 2.46
CA GLN B 618 8.77 -34.67 2.43
C GLN B 618 9.96 -35.57 2.01
N GLU B 619 10.81 -35.84 2.99
CA GLU B 619 12.01 -36.67 2.88
C GLU B 619 11.69 -38.08 2.41
N SER B 620 10.69 -38.67 3.02
CA SER B 620 10.28 -40.00 2.65
C SER B 620 9.82 -40.04 1.18
N ALA B 621 9.10 -39.00 0.73
CA ALA B 621 8.76 -38.89 -0.68
C ALA B 621 9.97 -38.68 -1.60
N SER B 622 11.01 -38.02 -1.11
CA SER B 622 12.24 -37.92 -1.88
C SER B 622 12.82 -39.31 -2.17
N GLU B 623 12.80 -40.20 -1.17
CA GLU B 623 13.21 -41.59 -1.40
C GLU B 623 12.38 -42.27 -2.48
N LEU B 624 11.07 -42.05 -2.44
CA LEU B 624 10.18 -42.55 -3.48
C LEU B 624 10.58 -42.04 -4.87
N LYS B 625 10.95 -40.77 -5.00
CA LYS B 625 11.37 -40.27 -6.31
C LYS B 625 12.57 -41.06 -6.85
N ASN B 626 13.56 -41.33 -6.01
CA ASN B 626 14.73 -42.07 -6.47
C ASN B 626 14.36 -43.47 -6.93
N PHE B 627 13.42 -44.08 -6.23
CA PHE B 627 12.87 -45.33 -6.72
C PHE B 627 12.24 -45.27 -8.09
N CYS B 628 11.46 -44.26 -8.42
CA CYS B 628 11.08 -44.16 -9.82
C CYS B 628 12.23 -43.92 -10.80
N GLU B 629 13.20 -43.08 -10.42
CA GLU B 629 14.39 -42.88 -11.23
C GLU B 629 15.39 -44.00 -11.53
N MET B 630 15.78 -44.79 -10.53
CA MET B 630 16.61 -45.96 -10.77
C MET B 630 16.00 -47.00 -11.69
N ILE B 631 14.74 -47.30 -11.40
CA ILE B 631 13.92 -48.21 -12.18
C ILE B 631 13.71 -47.75 -13.60
N ILE B 632 13.41 -46.47 -13.80
CA ILE B 632 13.35 -45.98 -15.18
C ILE B 632 14.71 -46.08 -15.86
N PHE B 633 15.78 -45.70 -15.13
CA PHE B 633 17.12 -45.77 -15.70
C PHE B 633 17.50 -47.16 -16.16
N GLU B 634 17.36 -48.10 -15.24
CA GLU B 634 17.59 -49.49 -15.53
C GLU B 634 16.65 -49.97 -16.61
N LYS B 635 15.39 -49.55 -16.57
CA LYS B 635 14.54 -49.91 -17.67
C LYS B 635 15.03 -49.32 -18.99
N ILE B 636 15.47 -48.06 -19.00
CA ILE B 636 16.00 -47.54 -20.25
C ILE B 636 17.31 -48.14 -20.79
N ASP B 637 18.27 -48.40 -19.90
CA ASP B 637 19.46 -49.17 -20.26
C ASP B 637 19.24 -50.58 -20.79
N HIS B 638 18.30 -51.29 -20.16
CA HIS B 638 17.94 -52.61 -20.61
C HIS B 638 16.78 -52.62 -21.59
N LEU B 639 16.44 -51.46 -22.15
CA LEU B 639 15.18 -51.30 -22.87
C LEU B 639 15.16 -52.32 -24.04
N LYS B 640 14.43 -53.40 -23.82
CA LYS B 640 14.29 -54.46 -24.81
C LYS B 640 13.16 -54.22 -25.81
N ARG B 641 12.09 -53.53 -25.39
CA ARG B 641 11.17 -52.93 -26.35
C ARG B 641 10.90 -51.46 -26.11
N ASN B 642 9.93 -50.91 -26.83
CA ASN B 642 9.62 -49.50 -26.72
C ASN B 642 8.25 -49.14 -27.31
N PRO B 643 7.40 -48.50 -26.50
CA PRO B 643 6.07 -47.98 -26.87
C PRO B 643 6.14 -46.86 -27.92
N TYR B 644 5.92 -47.23 -29.19
CA TYR B 644 5.94 -46.29 -30.30
C TYR B 644 4.56 -46.15 -30.95
#